data_2PHP
#
_entry.id   2PHP
#
_cell.length_a   147.077
_cell.length_b   112.141
_cell.length_c   67.253
_cell.angle_alpha   90.00
_cell.angle_beta   109.28
_cell.angle_gamma   90.00
#
_symmetry.space_group_name_H-M   'C 1 2 1'
#
loop_
_entity.id
_entity.type
_entity.pdbx_description
1 polymer 'Uncharacterized protein MJ0236'
2 non-polymer 'CHLORIDE ION'
3 water water
#
_entity_poly.entity_id   1
_entity_poly.type   'polypeptide(L)'
_entity_poly.pdbx_seq_one_letter_code
;(MSE)SLTYINKEKVIKNLSYAIYLLKK(MSE)NFTLIPEVGSNIAESLPFPKDFKDVAALTGRIIKNKLGGFYIVGDIE
FGASEHIAKIILSASKFNPEIRAC(MSE)NIKYDGGLIKLLKDKFAVSSFDRKEEPPNVST(MSE)EWGTKIACEKFGGV
PDIIYDRGGEGKEP(MSE)IRVLGRDAIEVVKKVEVIQKIYNTLEGHHHHHH
;
_entity_poly.pdbx_strand_id   A,B,D,E
#
loop_
_chem_comp.id
_chem_comp.type
_chem_comp.name
_chem_comp.formula
CL non-polymer 'CHLORIDE ION' 'Cl -1'
#
# COMPACT_ATOMS: atom_id res chain seq x y z
N TYR A 5 -31.68 -4.16 -8.93
CA TYR A 5 -31.26 -5.31 -9.77
C TYR A 5 -29.75 -5.25 -10.01
N ILE A 6 -29.30 -4.45 -10.98
CA ILE A 6 -27.87 -4.33 -11.22
C ILE A 6 -27.45 -2.87 -11.09
N ASN A 7 -27.17 -2.45 -9.85
CA ASN A 7 -26.75 -1.08 -9.56
C ASN A 7 -25.26 -0.99 -9.23
N LYS A 8 -24.82 0.20 -8.85
CA LYS A 8 -23.42 0.41 -8.52
C LYS A 8 -22.94 -0.52 -7.41
N GLU A 9 -23.77 -0.73 -6.39
CA GLU A 9 -23.38 -1.61 -5.29
C GLU A 9 -23.06 -3.01 -5.77
N LYS A 10 -23.90 -3.51 -6.68
CA LYS A 10 -23.72 -4.85 -7.25
C LYS A 10 -22.39 -4.92 -8.02
N VAL A 11 -22.13 -3.90 -8.81
CA VAL A 11 -20.93 -3.82 -9.62
C VAL A 11 -19.68 -3.82 -8.73
N ILE A 12 -19.68 -2.98 -7.70
CA ILE A 12 -18.55 -2.90 -6.79
C ILE A 12 -18.32 -4.24 -6.09
N LYS A 13 -19.39 -4.89 -5.63
CA LYS A 13 -19.25 -6.19 -4.98
C LYS A 13 -18.69 -7.23 -5.97
N ASN A 14 -19.19 -7.20 -7.21
CA ASN A 14 -18.72 -8.14 -8.23
C ASN A 14 -17.23 -8.00 -8.50
N LEU A 15 -16.78 -6.77 -8.71
CA LEU A 15 -15.37 -6.52 -8.97
C LEU A 15 -14.52 -6.90 -7.76
N SER A 16 -15.03 -6.58 -6.57
CA SER A 16 -14.32 -6.86 -5.32
C SER A 16 -14.09 -8.35 -5.09
N TYR A 17 -15.12 -9.14 -5.36
CA TYR A 17 -15.00 -10.57 -5.18
C TYR A 17 -14.12 -11.16 -6.27
N ALA A 18 -14.20 -10.59 -7.47
CA ALA A 18 -13.41 -11.07 -8.59
C ALA A 18 -11.93 -10.92 -8.27
N ILE A 19 -11.57 -9.77 -7.70
CA ILE A 19 -10.20 -9.47 -7.31
C ILE A 19 -9.77 -10.45 -6.21
N TYR A 20 -10.68 -10.69 -5.29
CA TYR A 20 -10.46 -11.61 -4.16
C TYR A 20 -10.06 -12.98 -4.72
N LEU A 21 -10.80 -13.47 -5.72
CA LEU A 21 -10.49 -14.76 -6.32
C LEU A 21 -9.15 -14.70 -7.03
N LEU A 22 -8.95 -13.63 -7.79
CA LEU A 22 -7.72 -13.45 -8.54
C LEU A 22 -6.48 -13.46 -7.64
N LYS A 23 -6.58 -12.84 -6.47
CA LYS A 23 -5.46 -12.79 -5.54
C LYS A 23 -5.00 -14.19 -5.11
N LYS A 24 -5.92 -15.15 -5.02
CA LYS A 24 -5.61 -16.52 -4.61
C LYS A 24 -5.19 -17.40 -5.78
N MSE A 25 -5.16 -16.80 -6.97
CA MSE A 25 -4.83 -17.50 -8.20
C MSE A 25 -3.36 -17.35 -8.58
O MSE A 25 -2.75 -16.31 -8.33
CB MSE A 25 -5.72 -16.90 -9.29
CG MSE A 25 -6.07 -17.79 -10.45
SE MSE A 25 -7.46 -16.88 -11.45
CE MSE A 25 -9.01 -17.41 -10.41
N ASN A 26 -2.77 -18.39 -9.16
CA ASN A 26 -1.36 -18.30 -9.60
C ASN A 26 -1.42 -17.64 -10.98
N PHE A 27 -1.76 -16.36 -10.98
CA PHE A 27 -1.89 -15.58 -12.20
C PHE A 27 -0.56 -15.06 -12.72
N THR A 28 -0.15 -15.54 -13.89
CA THR A 28 1.13 -15.08 -14.44
C THR A 28 0.98 -14.43 -15.82
N LEU A 29 -0.25 -14.33 -16.30
CA LEU A 29 -0.50 -13.74 -17.61
C LEU A 29 -0.65 -12.23 -17.48
N ILE A 30 0.39 -11.60 -16.92
CA ILE A 30 0.37 -10.16 -16.70
C ILE A 30 1.19 -9.45 -17.75
N PRO A 31 0.57 -8.56 -18.53
CA PRO A 31 1.28 -7.83 -19.57
C PRO A 31 2.27 -6.82 -19.00
N GLU A 32 3.19 -6.38 -19.85
CA GLU A 32 4.19 -5.40 -19.47
C GLU A 32 3.50 -4.11 -18.99
N VAL A 33 2.35 -3.78 -19.58
CA VAL A 33 1.63 -2.57 -19.18
C VAL A 33 0.66 -2.83 -18.03
N GLY A 34 0.71 -4.03 -17.46
CA GLY A 34 -0.16 -4.37 -16.34
C GLY A 34 -1.57 -4.67 -16.79
N SER A 35 -2.33 -5.37 -15.94
CA SER A 35 -3.71 -5.70 -16.27
C SER A 35 -4.66 -4.86 -15.45
N ASN A 36 -5.91 -4.82 -15.85
CA ASN A 36 -6.94 -4.13 -15.08
C ASN A 36 -8.20 -4.92 -15.38
N ILE A 37 -9.17 -4.85 -14.49
CA ILE A 37 -10.43 -5.56 -14.70
C ILE A 37 -11.53 -4.53 -14.48
N ALA A 38 -12.57 -4.60 -15.30
CA ALA A 38 -13.63 -3.62 -15.20
C ALA A 38 -15.01 -4.19 -15.46
N GLU A 39 -16.01 -3.60 -14.81
CA GLU A 39 -17.40 -4.01 -15.00
C GLU A 39 -18.27 -2.76 -15.07
N SER A 40 -19.29 -2.79 -15.91
CA SER A 40 -20.16 -1.64 -16.06
C SER A 40 -21.58 -1.89 -15.58
N LEU A 41 -22.33 -0.80 -15.47
CA LEU A 41 -23.73 -0.86 -15.10
C LEU A 41 -24.40 -1.29 -16.41
N PRO A 42 -25.63 -1.79 -16.33
CA PRO A 42 -26.31 -2.22 -17.57
C PRO A 42 -26.46 -1.03 -18.52
N PHE A 43 -26.36 -1.29 -19.82
CA PHE A 43 -26.50 -0.23 -20.84
C PHE A 43 -25.72 1.02 -20.44
N PRO A 44 -24.40 0.90 -20.28
CA PRO A 44 -23.62 2.08 -19.90
C PRO A 44 -23.64 3.18 -20.96
N LYS A 45 -23.70 4.43 -20.51
CA LYS A 45 -23.71 5.55 -21.43
C LYS A 45 -22.30 6.04 -21.71
N ASP A 46 -21.49 6.15 -20.68
CA ASP A 46 -20.10 6.59 -20.83
C ASP A 46 -19.18 5.83 -19.87
N PHE A 47 -17.88 6.12 -19.94
CA PHE A 47 -16.91 5.43 -19.10
C PHE A 47 -17.17 5.65 -17.61
N LYS A 48 -18.01 6.62 -17.26
CA LYS A 48 -18.30 6.85 -15.85
C LYS A 48 -19.29 5.84 -15.29
N ASP A 49 -19.84 4.99 -16.16
CA ASP A 49 -20.77 3.95 -15.73
C ASP A 49 -19.98 2.67 -15.60
N VAL A 50 -18.66 2.78 -15.71
CA VAL A 50 -17.76 1.65 -15.64
C VAL A 50 -16.78 1.78 -14.45
N ALA A 51 -16.68 0.73 -13.66
CA ALA A 51 -15.78 0.73 -12.52
C ALA A 51 -14.58 -0.15 -12.82
N ALA A 52 -13.45 0.17 -12.20
CA ALA A 52 -12.22 -0.58 -12.40
C ALA A 52 -11.19 -0.13 -11.36
N LEU A 53 -10.01 -0.72 -11.42
CA LEU A 53 -8.93 -0.35 -10.49
C LEU A 53 -8.33 0.98 -10.93
N THR A 54 -8.08 1.86 -9.96
CA THR A 54 -7.48 3.16 -10.23
C THR A 54 -6.02 2.95 -10.54
N GLY A 55 -5.50 1.78 -10.13
CA GLY A 55 -4.11 1.45 -10.41
C GLY A 55 -4.16 0.30 -11.41
N ARG A 56 -3.32 -0.69 -11.21
CA ARG A 56 -3.32 -1.88 -12.08
C ARG A 56 -2.76 -3.08 -11.34
N ILE A 57 -2.83 -4.23 -11.98
CA ILE A 57 -2.25 -5.44 -11.40
C ILE A 57 -0.93 -5.59 -12.13
N ILE A 58 0.17 -5.50 -11.40
CA ILE A 58 1.49 -5.62 -11.99
C ILE A 58 2.30 -6.72 -11.32
N LYS A 59 3.34 -7.16 -12.02
CA LYS A 59 4.22 -8.22 -11.54
C LYS A 59 5.03 -7.79 -10.31
N ASN A 60 5.31 -8.75 -9.45
CA ASN A 60 6.14 -8.52 -8.27
C ASN A 60 7.41 -9.27 -8.67
N LYS A 61 8.49 -8.54 -8.95
CA LYS A 61 9.75 -9.16 -9.36
C LYS A 61 10.22 -10.25 -8.39
N LEU A 62 9.80 -10.13 -7.14
CA LEU A 62 10.15 -11.10 -6.11
C LEU A 62 9.35 -12.38 -6.35
N GLY A 63 8.25 -12.23 -7.09
CA GLY A 63 7.39 -13.36 -7.39
C GLY A 63 5.96 -13.01 -7.04
N GLY A 64 5.02 -13.42 -7.88
CA GLY A 64 3.63 -13.10 -7.64
C GLY A 64 3.31 -11.76 -8.27
N PHE A 65 2.32 -11.06 -7.73
CA PHE A 65 1.93 -9.77 -8.28
C PHE A 65 1.32 -8.83 -7.24
N TYR A 66 1.16 -7.57 -7.64
CA TYR A 66 0.58 -6.53 -6.78
C TYR A 66 -0.72 -6.04 -7.42
N ILE A 67 -1.77 -5.93 -6.60
CA ILE A 67 -3.06 -5.43 -7.06
C ILE A 67 -3.05 -4.02 -6.50
N VAL A 68 -2.85 -3.03 -7.38
CA VAL A 68 -2.73 -1.64 -6.96
C VAL A 68 -3.94 -0.73 -7.16
N GLY A 69 -4.29 0.01 -6.12
CA GLY A 69 -5.39 0.95 -6.21
C GLY A 69 -6.73 0.50 -5.64
N ASP A 70 -7.76 1.28 -5.94
CA ASP A 70 -9.10 0.99 -5.46
C ASP A 70 -10.04 0.81 -6.63
N ILE A 71 -11.19 0.22 -6.35
CA ILE A 71 -12.22 0.04 -7.38
C ILE A 71 -13.03 1.33 -7.37
N GLU A 72 -13.17 1.96 -8.54
CA GLU A 72 -13.94 3.20 -8.61
C GLU A 72 -14.55 3.40 -10.00
N PHE A 73 -15.72 4.01 -10.05
CA PHE A 73 -16.36 4.27 -11.33
C PHE A 73 -15.60 5.39 -12.03
N GLY A 74 -15.41 5.24 -13.33
CA GLY A 74 -14.70 6.24 -14.11
C GLY A 74 -13.20 6.07 -13.95
N ALA A 75 -12.78 4.91 -13.45
CA ALA A 75 -11.37 4.64 -13.22
C ALA A 75 -10.61 4.26 -14.48
N SER A 76 -11.30 3.73 -15.47
CA SER A 76 -10.62 3.34 -16.69
C SER A 76 -11.40 3.62 -17.96
N GLU A 77 -10.99 4.68 -18.64
CA GLU A 77 -11.61 5.08 -19.89
C GLU A 77 -11.22 4.06 -20.95
N HIS A 78 -10.02 3.53 -20.82
CA HIS A 78 -9.51 2.56 -21.78
C HIS A 78 -10.36 1.30 -21.90
N ILE A 79 -10.47 0.52 -20.82
CA ILE A 79 -11.27 -0.71 -20.88
C ILE A 79 -12.74 -0.34 -21.06
N ALA A 80 -13.14 0.82 -20.52
CA ALA A 80 -14.53 1.24 -20.66
C ALA A 80 -14.90 1.29 -22.14
N LYS A 81 -13.98 1.76 -22.99
CA LYS A 81 -14.23 1.84 -24.43
C LYS A 81 -14.59 0.46 -24.95
N ILE A 82 -13.85 -0.55 -24.50
CA ILE A 82 -14.10 -1.92 -24.93
C ILE A 82 -15.50 -2.40 -24.53
N ILE A 83 -15.86 -2.22 -23.25
CA ILE A 83 -17.16 -2.66 -22.76
C ILE A 83 -18.34 -1.93 -23.39
N LEU A 84 -18.24 -0.61 -23.52
CA LEU A 84 -19.31 0.17 -24.12
C LEU A 84 -19.54 -0.31 -25.54
N SER A 85 -18.44 -0.53 -26.25
CA SER A 85 -18.49 -0.99 -27.62
C SER A 85 -19.13 -2.36 -27.77
N ALA A 86 -18.73 -3.30 -26.93
CA ALA A 86 -19.29 -4.65 -27.00
C ALA A 86 -20.75 -4.68 -26.60
N SER A 87 -21.12 -3.89 -25.59
CA SER A 87 -22.51 -3.86 -25.12
C SER A 87 -23.51 -3.57 -26.23
N LYS A 88 -23.09 -2.83 -27.25
CA LYS A 88 -24.00 -2.53 -28.36
C LYS A 88 -24.36 -3.83 -29.05
N PHE A 89 -23.43 -4.79 -29.02
CA PHE A 89 -23.63 -6.09 -29.64
C PHE A 89 -24.38 -7.07 -28.75
N ASN A 90 -24.14 -6.95 -27.44
CA ASN A 90 -24.79 -7.81 -26.48
C ASN A 90 -24.73 -7.11 -25.12
N PRO A 91 -25.83 -6.42 -24.74
CA PRO A 91 -25.91 -5.69 -23.47
C PRO A 91 -25.67 -6.53 -22.22
N GLU A 92 -25.67 -7.85 -22.37
CA GLU A 92 -25.41 -8.74 -21.24
C GLU A 92 -23.92 -8.79 -20.91
N ILE A 93 -23.11 -8.28 -21.84
CA ILE A 93 -21.65 -8.24 -21.63
C ILE A 93 -21.31 -6.95 -20.89
N ARG A 94 -20.90 -7.07 -19.63
CA ARG A 94 -20.58 -5.89 -18.83
C ARG A 94 -19.16 -5.86 -18.23
N ALA A 95 -18.34 -6.86 -18.50
CA ALA A 95 -17.00 -6.88 -17.91
C ALA A 95 -15.90 -7.31 -18.87
N CYS A 96 -14.68 -6.88 -18.55
CA CYS A 96 -13.52 -7.18 -19.37
C CYS A 96 -12.24 -7.03 -18.57
N MSE A 97 -11.25 -7.85 -18.92
CA MSE A 97 -9.95 -7.82 -18.28
C MSE A 97 -8.91 -8.08 -19.36
O MSE A 97 -9.10 -8.95 -20.22
CB MSE A 97 -9.85 -8.90 -17.20
CG MSE A 97 -8.44 -9.10 -16.64
SE MSE A 97 -8.26 -10.37 -15.16
CE MSE A 97 -9.94 -11.33 -15.37
N ASN A 98 -7.83 -7.31 -19.34
CA ASN A 98 -6.76 -7.49 -20.31
C ASN A 98 -5.65 -8.30 -19.66
N ILE A 99 -5.17 -9.30 -20.39
CA ILE A 99 -4.10 -10.18 -19.93
C ILE A 99 -3.03 -10.34 -21.01
N LYS A 100 -1.89 -10.89 -20.63
CA LYS A 100 -0.77 -11.08 -21.54
C LYS A 100 -1.08 -11.87 -22.82
N TYR A 101 -0.51 -11.41 -23.92
CA TYR A 101 -0.69 -12.04 -25.22
C TYR A 101 0.38 -13.09 -25.46
N ASP A 102 -0.02 -14.17 -26.13
CA ASP A 102 0.91 -15.24 -26.50
C ASP A 102 0.34 -15.92 -27.74
N GLY A 103 1.14 -15.93 -28.81
CA GLY A 103 0.70 -16.55 -30.06
C GLY A 103 0.27 -17.99 -29.90
N GLY A 104 1.10 -18.79 -29.23
CA GLY A 104 0.77 -20.17 -29.01
C GLY A 104 -0.48 -20.31 -28.16
N LEU A 105 -0.61 -19.47 -27.14
CA LEU A 105 -1.77 -19.54 -26.28
C LEU A 105 -3.05 -19.35 -27.08
N ILE A 106 -3.08 -18.29 -27.91
CA ILE A 106 -4.24 -18.02 -28.76
C ILE A 106 -4.59 -19.24 -29.60
N LYS A 107 -3.59 -19.88 -30.19
CA LYS A 107 -3.85 -21.08 -31.00
C LYS A 107 -4.62 -22.10 -30.18
N LEU A 108 -4.17 -22.37 -28.96
CA LEU A 108 -4.82 -23.35 -28.10
C LEU A 108 -6.21 -22.91 -27.64
N LEU A 109 -6.39 -21.61 -27.45
CA LEU A 109 -7.65 -21.08 -26.99
C LEU A 109 -8.74 -21.10 -28.07
N LYS A 110 -8.34 -20.95 -29.33
CA LYS A 110 -9.30 -20.93 -30.43
C LYS A 110 -10.17 -22.17 -30.53
N ASP A 111 -9.73 -23.27 -29.93
CA ASP A 111 -10.49 -24.51 -29.98
C ASP A 111 -11.47 -24.67 -28.82
N LYS A 112 -11.36 -23.82 -27.80
CA LYS A 112 -12.25 -23.92 -26.64
C LYS A 112 -13.08 -22.66 -26.37
N PHE A 113 -12.58 -21.51 -26.80
CA PHE A 113 -13.28 -20.24 -26.59
C PHE A 113 -13.67 -19.59 -27.90
N ALA A 114 -14.65 -18.68 -27.86
CA ALA A 114 -15.06 -17.95 -29.04
C ALA A 114 -14.06 -16.82 -29.10
N VAL A 115 -13.29 -16.77 -30.18
CA VAL A 115 -12.25 -15.76 -30.32
C VAL A 115 -12.33 -14.91 -31.59
N SER A 116 -12.01 -13.63 -31.44
CA SER A 116 -12.01 -12.72 -32.58
C SER A 116 -10.87 -11.73 -32.41
N SER A 117 -10.68 -10.85 -33.38
CA SER A 117 -9.58 -9.90 -33.29
C SER A 117 -9.67 -8.75 -34.29
N PHE A 118 -8.69 -7.86 -34.19
CA PHE A 118 -8.58 -6.72 -35.07
C PHE A 118 -7.09 -6.45 -35.30
N ASP A 119 -6.78 -5.71 -36.35
CA ASP A 119 -5.40 -5.40 -36.69
C ASP A 119 -5.19 -3.90 -36.58
N ARG A 120 -4.26 -3.49 -35.73
CA ARG A 120 -3.99 -2.06 -35.54
C ARG A 120 -3.62 -1.33 -36.83
N LYS A 121 -3.00 -2.04 -37.77
CA LYS A 121 -2.60 -1.42 -39.03
C LYS A 121 -3.78 -1.05 -39.92
N GLU A 122 -4.94 -1.65 -39.66
CA GLU A 122 -6.13 -1.37 -40.46
C GLU A 122 -7.01 -0.29 -39.84
N GLU A 123 -6.56 0.33 -38.76
CA GLU A 123 -7.36 1.35 -38.12
C GLU A 123 -7.62 2.56 -39.00
N PRO A 124 -8.90 2.89 -39.24
CA PRO A 124 -9.24 4.05 -40.07
C PRO A 124 -8.92 5.31 -39.28
N PRO A 125 -8.80 6.44 -39.97
CA PRO A 125 -8.48 7.69 -39.27
C PRO A 125 -9.66 8.26 -38.49
N ASN A 126 -9.36 9.12 -37.52
CA ASN A 126 -10.39 9.78 -36.72
C ASN A 126 -11.21 8.90 -35.77
N VAL A 127 -10.62 7.82 -35.27
CA VAL A 127 -11.33 6.93 -34.35
C VAL A 127 -10.47 6.52 -33.17
N SER A 128 -11.12 5.97 -32.16
CA SER A 128 -10.41 5.41 -31.02
C SER A 128 -10.07 3.95 -31.24
N THR A 129 -8.83 3.60 -31.14
CA THR A 129 -8.41 2.24 -31.41
C THR A 129 -9.28 1.20 -30.71
N MSE A 130 -9.53 1.38 -29.42
CA MSE A 130 -10.33 0.43 -28.66
C MSE A 130 -11.79 0.35 -29.08
O MSE A 130 -12.38 -0.73 -29.10
CB MSE A 130 -10.23 0.72 -27.17
CG MSE A 130 -8.85 0.40 -26.58
SE MSE A 130 -8.30 -1.45 -26.86
CE MSE A 130 -7.07 -1.19 -28.35
N GLU A 131 -12.38 1.49 -29.41
CA GLU A 131 -13.78 1.49 -29.83
C GLU A 131 -13.90 0.85 -31.21
N TRP A 132 -13.06 1.29 -32.12
CA TRP A 132 -13.08 0.76 -33.46
C TRP A 132 -12.71 -0.73 -33.49
N GLY A 133 -11.60 -1.09 -32.84
CA GLY A 133 -11.17 -2.49 -32.84
C GLY A 133 -12.17 -3.47 -32.24
N THR A 134 -12.80 -3.08 -31.15
CA THR A 134 -13.77 -3.94 -30.49
C THR A 134 -14.97 -4.15 -31.42
N LYS A 135 -15.43 -3.06 -32.02
CA LYS A 135 -16.58 -3.11 -32.94
C LYS A 135 -16.24 -4.00 -34.13
N ILE A 136 -15.02 -3.86 -34.64
CA ILE A 136 -14.57 -4.65 -35.78
C ILE A 136 -14.52 -6.13 -35.45
N ALA A 137 -13.96 -6.47 -34.31
CA ALA A 137 -13.86 -7.86 -33.91
C ALA A 137 -15.25 -8.48 -33.70
N CYS A 138 -16.18 -7.70 -33.16
CA CYS A 138 -17.52 -8.21 -32.91
C CYS A 138 -18.34 -8.41 -34.20
N GLU A 139 -18.17 -7.51 -35.17
CA GLU A 139 -18.88 -7.64 -36.43
C GLU A 139 -18.29 -8.83 -37.16
N LYS A 140 -16.99 -9.02 -37.00
CA LYS A 140 -16.30 -10.13 -37.63
C LYS A 140 -16.85 -11.43 -37.04
N PHE A 141 -17.10 -11.44 -35.73
CA PHE A 141 -17.61 -12.63 -35.05
C PHE A 141 -19.13 -12.83 -35.14
N GLY A 142 -19.86 -11.75 -35.36
CA GLY A 142 -21.31 -11.85 -35.43
C GLY A 142 -21.91 -11.72 -34.05
N GLY A 143 -21.15 -11.11 -33.13
CA GLY A 143 -21.60 -10.91 -31.77
C GLY A 143 -20.40 -10.65 -30.86
N VAL A 144 -20.54 -10.90 -29.57
CA VAL A 144 -19.43 -10.69 -28.66
C VAL A 144 -18.81 -12.03 -28.28
N PRO A 145 -17.53 -12.25 -28.64
CA PRO A 145 -16.83 -13.50 -28.33
C PRO A 145 -16.30 -13.48 -26.89
N ASP A 146 -15.66 -14.57 -26.49
CA ASP A 146 -15.09 -14.65 -25.14
C ASP A 146 -13.83 -13.79 -25.12
N ILE A 147 -13.09 -13.83 -26.22
CA ILE A 147 -11.83 -13.12 -26.33
C ILE A 147 -11.65 -12.26 -27.57
N ILE A 148 -11.08 -11.08 -27.37
CA ILE A 148 -10.76 -10.18 -28.46
C ILE A 148 -9.28 -9.85 -28.25
N TYR A 149 -8.46 -10.20 -29.22
CA TYR A 149 -7.03 -9.96 -29.11
C TYR A 149 -6.52 -9.23 -30.33
N ASP A 150 -5.27 -8.77 -30.26
CA ASP A 150 -4.64 -8.10 -31.37
C ASP A 150 -3.15 -8.32 -31.19
N ARG A 151 -2.42 -8.43 -32.29
CA ARG A 151 -0.99 -8.72 -32.25
C ARG A 151 -0.17 -7.47 -32.00
N GLY A 152 -0.76 -6.42 -31.47
CA GLY A 152 -0.01 -5.20 -31.20
C GLY A 152 0.43 -4.43 -32.43
N GLY A 153 1.31 -3.46 -32.21
CA GLY A 153 1.81 -2.66 -33.30
C GLY A 153 2.93 -1.74 -32.86
N GLU A 154 3.12 -0.66 -33.60
CA GLU A 154 4.17 0.31 -33.29
C GLU A 154 3.86 0.94 -31.94
N GLY A 155 4.79 0.77 -30.99
CA GLY A 155 4.63 1.32 -29.65
C GLY A 155 3.50 0.72 -28.82
N LYS A 156 2.88 -0.34 -29.33
CA LYS A 156 1.76 -0.97 -28.61
C LYS A 156 1.95 -2.47 -28.40
N GLU A 157 1.94 -2.87 -27.13
CA GLU A 157 2.09 -4.26 -26.75
C GLU A 157 0.89 -5.08 -27.20
N PRO A 158 1.12 -6.32 -27.68
CA PRO A 158 -0.01 -7.15 -28.10
C PRO A 158 -0.87 -7.45 -26.86
N MSE A 159 -2.12 -7.85 -27.06
CA MSE A 159 -2.98 -8.07 -25.92
C MSE A 159 -4.12 -9.07 -26.14
O MSE A 159 -4.62 -9.23 -27.26
CB MSE A 159 -3.60 -6.73 -25.49
CG MSE A 159 -4.10 -6.70 -24.05
SE MSE A 159 -2.60 -6.61 -22.81
CE MSE A 159 -1.83 -4.91 -23.33
N ILE A 160 -4.51 -9.72 -25.05
CA ILE A 160 -5.63 -10.65 -25.04
C ILE A 160 -6.64 -10.03 -24.07
N ARG A 161 -7.86 -9.82 -24.54
CA ARG A 161 -8.88 -9.24 -23.69
C ARG A 161 -9.97 -10.27 -23.50
N VAL A 162 -10.33 -10.54 -22.25
CA VAL A 162 -11.35 -11.54 -21.94
C VAL A 162 -12.64 -10.83 -21.53
N LEU A 163 -13.74 -11.12 -22.24
CA LEU A 163 -15.02 -10.49 -21.95
C LEU A 163 -15.99 -11.46 -21.28
N GLY A 164 -16.98 -10.92 -20.55
CA GLY A 164 -17.96 -11.75 -19.88
C GLY A 164 -19.12 -10.93 -19.32
N ARG A 165 -20.09 -11.61 -18.72
CA ARG A 165 -21.25 -10.92 -18.17
C ARG A 165 -20.91 -10.06 -16.95
N ASP A 166 -19.99 -10.53 -16.12
CA ASP A 166 -19.55 -9.77 -14.95
C ASP A 166 -18.10 -10.14 -14.60
N ALA A 167 -17.48 -9.36 -13.74
CA ALA A 167 -16.08 -9.57 -13.36
C ALA A 167 -15.75 -10.96 -12.84
N ILE A 168 -16.65 -11.55 -12.06
CA ILE A 168 -16.38 -12.89 -11.53
C ILE A 168 -16.28 -13.90 -12.68
N GLU A 169 -17.22 -13.85 -13.62
CA GLU A 169 -17.22 -14.76 -14.74
C GLU A 169 -15.94 -14.61 -15.55
N VAL A 170 -15.49 -13.36 -15.73
CA VAL A 170 -14.28 -13.08 -16.48
C VAL A 170 -13.06 -13.72 -15.84
N VAL A 171 -12.94 -13.59 -14.52
CA VAL A 171 -11.83 -14.18 -13.80
C VAL A 171 -11.90 -15.71 -13.90
N LYS A 172 -13.12 -16.25 -13.84
CA LYS A 172 -13.33 -17.70 -13.94
C LYS A 172 -12.83 -18.17 -15.30
N LYS A 173 -13.00 -17.33 -16.32
CA LYS A 173 -12.52 -17.67 -17.67
C LYS A 173 -10.99 -17.56 -17.69
N VAL A 174 -10.45 -16.55 -17.02
CA VAL A 174 -9.02 -16.36 -17.00
C VAL A 174 -8.32 -17.51 -16.27
N GLU A 175 -8.98 -18.03 -15.26
CA GLU A 175 -8.43 -19.15 -14.50
C GLU A 175 -8.19 -20.31 -15.46
N VAL A 176 -9.17 -20.61 -16.31
CA VAL A 176 -9.02 -21.69 -17.28
C VAL A 176 -7.92 -21.32 -18.27
N ILE A 177 -7.97 -20.11 -18.81
CA ILE A 177 -6.96 -19.65 -19.76
C ILE A 177 -5.57 -19.85 -19.19
N GLN A 178 -5.41 -19.53 -17.91
CA GLN A 178 -4.13 -19.69 -17.22
C GLN A 178 -3.67 -21.16 -17.18
N LYS A 179 -4.58 -22.08 -16.88
CA LYS A 179 -4.22 -23.48 -16.83
C LYS A 179 -3.72 -23.95 -18.19
N ILE A 180 -4.42 -23.53 -19.24
CA ILE A 180 -4.03 -23.89 -20.60
C ILE A 180 -2.66 -23.28 -20.90
N TYR A 181 -2.49 -22.01 -20.53
CA TYR A 181 -1.23 -21.32 -20.75
C TYR A 181 -0.08 -22.08 -20.11
N ASN A 182 -0.34 -22.70 -18.96
CA ASN A 182 0.73 -23.43 -18.28
C ASN A 182 1.24 -24.67 -19.03
N THR A 183 0.46 -25.20 -19.96
CA THR A 183 0.91 -26.37 -20.72
C THR A 183 2.07 -25.95 -21.61
N LEU A 184 2.21 -24.63 -21.81
CA LEU A 184 3.26 -24.07 -22.64
C LEU A 184 4.62 -23.98 -21.95
N GLU A 185 4.64 -24.15 -20.63
CA GLU A 185 5.88 -24.08 -19.87
C GLU A 185 6.89 -25.12 -20.36
N SER B 2 37.48 12.62 -1.36
CA SER B 2 36.37 11.66 -1.13
C SER B 2 36.83 10.50 -0.24
N LEU B 3 36.25 10.44 0.97
CA LEU B 3 36.58 9.40 1.93
C LEU B 3 35.43 8.41 2.07
N THR B 4 34.47 8.48 1.15
CA THR B 4 33.31 7.61 1.23
C THR B 4 33.46 6.22 0.62
N TYR B 5 32.83 5.26 1.29
CA TYR B 5 32.82 3.86 0.86
C TYR B 5 31.38 3.59 0.44
N ILE B 6 31.17 3.33 -0.85
CA ILE B 6 29.82 3.08 -1.33
C ILE B 6 29.45 1.61 -1.18
N ASN B 7 28.74 1.29 -0.10
CA ASN B 7 28.34 -0.07 0.14
C ASN B 7 26.82 -0.19 -0.09
N LYS B 8 26.25 -1.35 0.20
CA LYS B 8 24.82 -1.54 0.00
C LYS B 8 23.94 -0.56 0.76
N GLU B 9 24.35 -0.21 1.98
CA GLU B 9 23.57 0.72 2.79
C GLU B 9 23.50 2.07 2.09
N LYS B 10 24.65 2.52 1.57
CA LYS B 10 24.66 3.79 0.87
C LYS B 10 23.69 3.79 -0.30
N VAL B 11 23.71 2.72 -1.08
CA VAL B 11 22.82 2.59 -2.24
C VAL B 11 21.34 2.61 -1.83
N ILE B 12 21.01 1.81 -0.81
CA ILE B 12 19.63 1.77 -0.33
C ILE B 12 19.19 3.15 0.14
N LYS B 13 20.08 3.87 0.84
CA LYS B 13 19.76 5.21 1.33
C LYS B 13 19.55 6.21 0.18
N ASN B 14 20.35 6.09 -0.88
CA ASN B 14 20.22 6.99 -2.02
C ASN B 14 18.89 6.76 -2.73
N LEU B 15 18.58 5.50 -2.98
CA LEU B 15 17.32 5.16 -3.64
C LEU B 15 16.12 5.61 -2.82
N SER B 16 16.18 5.35 -1.51
CA SER B 16 15.11 5.73 -0.60
C SER B 16 14.86 7.24 -0.60
N TYR B 17 15.94 8.03 -0.57
CA TYR B 17 15.76 9.47 -0.56
C TYR B 17 15.26 9.95 -1.93
N ALA B 18 15.75 9.30 -3.00
CA ALA B 18 15.31 9.67 -4.34
C ALA B 18 13.80 9.50 -4.45
N ILE B 19 13.28 8.43 -3.84
CA ILE B 19 11.84 8.15 -3.89
C ILE B 19 11.06 9.17 -3.05
N TYR B 20 11.63 9.54 -1.90
CA TYR B 20 11.02 10.51 -1.01
C TYR B 20 10.84 11.82 -1.79
N LEU B 21 11.82 12.14 -2.64
CA LEU B 21 11.75 13.36 -3.44
C LEU B 21 10.71 13.20 -4.57
N LEU B 22 10.66 12.01 -5.14
CA LEU B 22 9.73 11.73 -6.22
C LEU B 22 8.29 11.87 -5.74
N LYS B 23 8.00 11.36 -4.54
CA LYS B 23 6.65 11.42 -3.99
C LYS B 23 6.16 12.85 -3.81
N LYS B 24 7.09 13.81 -3.79
CA LYS B 24 6.74 15.22 -3.62
C LYS B 24 6.56 15.92 -4.96
N MSE B 25 6.93 15.24 -6.04
CA MSE B 25 6.83 15.79 -7.37
C MSE B 25 5.49 15.52 -8.03
O MSE B 25 4.78 14.61 -7.64
CB MSE B 25 7.91 15.18 -8.27
CG MSE B 25 9.14 16.01 -8.47
SE MSE B 25 10.50 14.97 -9.36
CE MSE B 25 11.56 14.63 -7.79
N ASN B 26 5.15 16.37 -8.94
CA ASN B 26 3.98 16.13 -9.78
C ASN B 26 4.38 15.40 -11.05
N PHE B 27 4.93 14.21 -10.74
CA PHE B 27 5.49 13.35 -11.76
C PHE B 27 4.39 12.77 -12.64
N THR B 28 4.38 13.17 -13.90
CA THR B 28 3.36 12.69 -14.83
C THR B 28 4.02 12.00 -16.01
N LEU B 29 5.34 12.06 -16.06
CA LEU B 29 6.08 11.42 -17.15
C LEU B 29 6.19 9.90 -16.91
N ILE B 30 5.04 9.27 -16.69
CA ILE B 30 4.97 7.83 -16.46
C ILE B 30 4.56 7.05 -17.69
N PRO B 31 5.43 6.14 -18.16
CA PRO B 31 5.10 5.35 -19.35
C PRO B 31 4.04 4.31 -19.03
N GLU B 32 3.46 3.71 -20.07
CA GLU B 32 2.42 2.71 -19.88
C GLU B 32 2.93 1.49 -19.13
N VAL B 33 4.21 1.19 -19.28
CA VAL B 33 4.78 0.04 -18.60
C VAL B 33 5.25 0.40 -17.19
N GLY B 34 5.04 1.65 -16.81
CA GLY B 34 5.45 2.11 -15.49
C GLY B 34 6.93 2.43 -15.44
N SER B 35 7.35 3.20 -14.44
CA SER B 35 8.75 3.55 -14.30
C SER B 35 9.39 2.84 -13.12
N ASN B 36 10.71 2.76 -13.13
CA ASN B 36 11.44 2.17 -12.01
C ASN B 36 12.72 2.97 -11.89
N ILE B 37 13.32 2.95 -10.71
CA ILE B 37 14.58 3.67 -10.51
C ILE B 37 15.53 2.67 -9.84
N ALA B 38 16.76 2.63 -10.35
CA ALA B 38 17.76 1.70 -9.86
C ALA B 38 19.13 2.34 -9.65
N GLU B 39 19.91 1.74 -8.77
CA GLU B 39 21.25 2.21 -8.47
C GLU B 39 22.09 1.00 -8.13
N SER B 40 23.33 1.01 -8.61
CA SER B 40 24.24 -0.10 -8.36
C SER B 40 25.40 0.28 -7.46
N LEU B 41 26.09 -0.76 -7.00
CA LEU B 41 27.28 -0.58 -6.19
C LEU B 41 28.32 -0.25 -7.25
N PRO B 42 29.48 0.29 -6.84
CA PRO B 42 30.48 0.61 -7.84
C PRO B 42 30.95 -0.68 -8.54
N PHE B 43 31.30 -0.59 -9.82
CA PHE B 43 31.76 -1.76 -10.58
C PHE B 43 30.84 -2.98 -10.37
N PRO B 44 29.55 -2.83 -10.69
CA PRO B 44 28.62 -3.96 -10.52
C PRO B 44 28.99 -5.19 -11.35
N LYS B 45 28.91 -6.36 -10.73
CA LYS B 45 29.23 -7.62 -11.40
C LYS B 45 28.05 -8.20 -12.18
N ASP B 46 26.84 -7.95 -11.70
CA ASP B 46 25.62 -8.43 -12.35
C ASP B 46 24.41 -7.72 -11.75
N PHE B 47 23.22 -7.99 -12.27
CA PHE B 47 22.01 -7.33 -11.79
C PHE B 47 21.79 -7.46 -10.28
N LYS B 48 22.46 -8.43 -9.67
CA LYS B 48 22.32 -8.64 -8.23
C LYS B 48 22.97 -7.50 -7.44
N ASP B 49 23.91 -6.80 -8.06
CA ASP B 49 24.58 -5.69 -7.40
C ASP B 49 23.78 -4.40 -7.66
N VAL B 50 22.59 -4.54 -8.23
CA VAL B 50 21.74 -3.39 -8.53
C VAL B 50 20.43 -3.43 -7.75
N ALA B 51 20.09 -2.33 -7.08
CA ALA B 51 18.83 -2.27 -6.32
C ALA B 51 17.78 -1.39 -6.99
N ALA B 52 16.51 -1.77 -6.81
CA ALA B 52 15.38 -1.03 -7.38
C ALA B 52 14.06 -1.51 -6.81
N LEU B 53 12.95 -0.95 -7.27
CA LEU B 53 11.62 -1.35 -6.79
C LEU B 53 11.25 -2.74 -7.26
N THR B 54 10.62 -3.51 -6.39
CA THR B 54 10.19 -4.86 -6.73
C THR B 54 8.93 -4.72 -7.58
N GLY B 55 8.27 -3.57 -7.47
CA GLY B 55 7.10 -3.28 -8.28
C GLY B 55 7.54 -2.22 -9.28
N ARG B 56 6.77 -1.14 -9.39
CA ARG B 56 7.10 -0.05 -10.29
C ARG B 56 6.29 1.19 -9.91
N ILE B 57 6.57 2.31 -10.57
CA ILE B 57 5.82 3.52 -10.32
C ILE B 57 4.78 3.58 -11.42
N ILE B 58 3.51 3.61 -11.03
CA ILE B 58 2.43 3.63 -12.01
C ILE B 58 1.43 4.76 -11.80
N LYS B 59 0.65 5.05 -12.84
CA LYS B 59 -0.33 6.12 -12.76
C LYS B 59 -1.52 5.76 -11.89
N ASN B 60 -2.01 6.77 -11.17
CA ASN B 60 -3.19 6.60 -10.34
C ASN B 60 -4.22 7.31 -11.22
N LYS B 61 -5.10 6.55 -11.86
CA LYS B 61 -6.10 7.10 -12.77
C LYS B 61 -6.96 8.25 -12.22
N LEU B 62 -7.17 8.28 -10.90
CA LEU B 62 -7.96 9.36 -10.27
C LEU B 62 -7.09 10.59 -10.10
N GLY B 63 -5.78 10.41 -10.25
CA GLY B 63 -4.87 11.53 -10.14
C GLY B 63 -3.65 11.18 -9.32
N GLY B 64 -2.48 11.57 -9.79
CA GLY B 64 -1.25 11.26 -9.07
C GLY B 64 -0.68 9.95 -9.56
N PHE B 65 0.08 9.29 -8.69
CA PHE B 65 0.71 8.03 -9.05
C PHE B 65 0.95 7.14 -7.82
N TYR B 66 1.26 5.87 -8.06
CA TYR B 66 1.53 4.92 -6.98
C TYR B 66 2.96 4.41 -7.07
N ILE B 67 3.64 4.35 -5.94
CA ILE B 67 4.99 3.79 -5.90
C ILE B 67 4.78 2.41 -5.29
N VAL B 68 4.97 1.38 -6.11
CA VAL B 68 4.70 0.00 -5.70
C VAL B 68 5.92 -0.90 -5.43
N GLY B 69 5.89 -1.60 -4.31
CA GLY B 69 6.97 -2.51 -3.97
C GLY B 69 8.03 -1.94 -3.03
N ASP B 70 9.08 -2.70 -2.82
CA ASP B 70 10.17 -2.31 -1.93
C ASP B 70 11.47 -2.22 -2.69
N ILE B 71 12.44 -1.53 -2.10
CA ILE B 71 13.74 -1.42 -2.73
C ILE B 71 14.55 -2.62 -2.31
N GLU B 72 14.99 -3.39 -3.30
CA GLU B 72 15.78 -4.57 -3.03
C GLU B 72 16.77 -4.80 -4.16
N PHE B 73 17.92 -5.38 -3.80
CA PHE B 73 18.94 -5.70 -4.79
C PHE B 73 18.45 -6.84 -5.67
N GLY B 74 18.78 -6.77 -6.95
CA GLY B 74 18.36 -7.81 -7.86
C GLY B 74 16.92 -7.66 -8.30
N ALA B 75 16.25 -6.62 -7.83
CA ALA B 75 14.86 -6.43 -8.21
C ALA B 75 14.66 -6.21 -9.71
N SER B 76 15.54 -5.44 -10.35
CA SER B 76 15.39 -5.16 -11.78
C SER B 76 16.52 -5.52 -12.76
N GLU B 77 16.37 -6.66 -13.45
CA GLU B 77 17.36 -7.06 -14.44
C GLU B 77 17.36 -6.06 -15.60
N HIS B 78 16.17 -5.62 -15.98
CA HIS B 78 15.98 -4.68 -17.07
C HIS B 78 16.82 -3.40 -16.97
N ILE B 79 16.59 -2.60 -15.93
CA ILE B 79 17.35 -1.36 -15.76
C ILE B 79 18.80 -1.69 -15.38
N ALA B 80 19.02 -2.87 -14.80
CA ALA B 80 20.37 -3.27 -14.43
C ALA B 80 21.22 -3.41 -15.70
N LYS B 81 20.64 -3.97 -16.76
CA LYS B 81 21.37 -4.14 -18.03
C LYS B 81 21.85 -2.77 -18.54
N ILE B 82 21.03 -1.75 -18.34
CA ILE B 82 21.41 -0.42 -18.79
C ILE B 82 22.58 0.14 -17.97
N ILE B 83 22.47 0.06 -16.65
CA ILE B 83 23.54 0.56 -15.78
C ILE B 83 24.87 -0.17 -15.97
N LEU B 84 24.84 -1.51 -15.98
CA LEU B 84 26.06 -2.27 -16.18
C LEU B 84 26.68 -1.98 -17.53
N SER B 85 25.85 -1.72 -18.54
CA SER B 85 26.37 -1.41 -19.87
C SER B 85 27.03 -0.03 -19.87
N ALA B 86 26.34 0.96 -19.32
CA ALA B 86 26.87 2.32 -19.29
C ALA B 86 28.12 2.41 -18.42
N SER B 87 28.19 1.62 -17.37
CA SER B 87 29.35 1.67 -16.47
C SER B 87 30.65 1.30 -17.19
N LYS B 88 30.54 0.56 -18.29
CA LYS B 88 31.70 0.15 -19.09
C LYS B 88 32.34 1.38 -19.75
N PHE B 89 31.56 2.45 -19.90
CA PHE B 89 32.04 3.68 -20.50
C PHE B 89 32.45 4.68 -19.43
N ASN B 90 31.72 4.68 -18.31
CA ASN B 90 32.02 5.58 -17.20
C ASN B 90 31.59 4.87 -15.91
N PRO B 91 32.55 4.27 -15.18
CA PRO B 91 32.23 3.58 -13.94
C PRO B 91 31.59 4.46 -12.87
N GLU B 92 31.56 5.76 -13.10
CA GLU B 92 30.95 6.69 -12.14
C GLU B 92 29.43 6.64 -12.23
N ILE B 93 28.91 6.14 -13.35
CA ILE B 93 27.46 6.06 -13.55
C ILE B 93 26.88 4.80 -12.89
N ARG B 94 26.12 4.99 -11.81
CA ARG B 94 25.52 3.87 -11.07
C ARG B 94 23.98 3.88 -11.00
N ALA B 95 23.33 4.88 -11.60
CA ALA B 95 21.88 4.96 -11.52
C ALA B 95 21.14 5.30 -12.80
N CYS B 96 19.88 4.85 -12.86
CA CYS B 96 19.04 5.08 -14.02
C CYS B 96 17.54 4.96 -13.70
N MSE B 97 16.74 5.77 -14.37
CA MSE B 97 15.30 5.76 -14.21
C MSE B 97 14.67 5.94 -15.58
O MSE B 97 15.08 6.82 -16.34
CB MSE B 97 14.83 6.91 -13.31
CG MSE B 97 13.33 7.04 -13.25
SE MSE B 97 12.75 8.38 -12.00
CE MSE B 97 10.84 8.02 -11.97
N ASN B 98 13.68 5.11 -15.92
CA ASN B 98 13.02 5.25 -17.21
C ASN B 98 11.76 6.09 -17.05
N ILE B 99 11.55 7.02 -17.98
CA ILE B 99 10.37 7.89 -17.94
C ILE B 99 9.71 7.94 -19.32
N LYS B 100 8.47 8.43 -19.34
CA LYS B 100 7.73 8.50 -20.59
C LYS B 100 8.44 9.35 -21.66
N TYR B 101 8.35 8.88 -22.90
CA TYR B 101 8.97 9.54 -24.03
C TYR B 101 8.07 10.57 -24.69
N ASP B 102 8.68 11.60 -25.28
CA ASP B 102 7.96 12.65 -25.99
C ASP B 102 8.94 13.39 -26.90
N GLY B 103 8.69 13.34 -28.22
CA GLY B 103 9.57 13.98 -29.18
C GLY B 103 9.80 15.47 -28.94
N GLY B 104 8.73 16.21 -28.71
CA GLY B 104 8.86 17.63 -28.46
C GLY B 104 9.72 17.89 -27.24
N LEU B 105 9.51 17.11 -26.19
CA LEU B 105 10.26 17.24 -24.95
C LEU B 105 11.74 17.04 -25.21
N ILE B 106 12.08 16.04 -26.02
CA ILE B 106 13.47 15.75 -26.37
C ILE B 106 14.16 16.98 -26.98
N LYS B 107 13.52 17.59 -27.99
CA LYS B 107 14.06 18.79 -28.63
C LYS B 107 14.35 19.86 -27.61
N LEU B 108 13.41 20.07 -26.69
CA LEU B 108 13.57 21.08 -25.66
C LEU B 108 14.66 20.71 -24.66
N LEU B 109 15.05 19.45 -24.65
CA LEU B 109 16.07 18.99 -23.72
C LEU B 109 17.49 18.98 -24.28
N LYS B 110 17.60 18.67 -25.58
CA LYS B 110 18.90 18.59 -26.24
C LYS B 110 19.78 19.82 -26.08
N ASP B 111 19.24 20.87 -25.46
CA ASP B 111 19.99 22.08 -25.22
C ASP B 111 20.47 22.16 -23.77
N LYS B 112 19.81 21.43 -22.88
CA LYS B 112 20.15 21.43 -21.46
C LYS B 112 20.80 20.11 -21.00
N PHE B 113 20.70 19.08 -21.83
CA PHE B 113 21.23 17.78 -21.49
C PHE B 113 21.98 17.11 -22.64
N ALA B 114 22.88 16.21 -22.30
CA ALA B 114 23.62 15.43 -23.28
C ALA B 114 22.65 14.32 -23.61
N VAL B 115 22.28 14.20 -24.88
CA VAL B 115 21.33 13.19 -25.32
C VAL B 115 21.89 12.30 -26.42
N SER B 116 21.52 11.02 -26.37
CA SER B 116 21.95 10.05 -27.37
C SER B 116 20.82 9.04 -27.50
N SER B 117 20.90 8.16 -28.47
CA SER B 117 19.84 7.18 -28.68
C SER B 117 20.26 5.96 -29.48
N PHE B 118 19.29 5.08 -29.74
CA PHE B 118 19.49 3.86 -30.52
C PHE B 118 18.18 3.51 -31.20
N ASP B 119 18.26 2.69 -32.25
CA ASP B 119 17.09 2.29 -33.03
C ASP B 119 16.80 0.81 -32.89
N ARG B 120 15.65 0.47 -32.30
CA ARG B 120 15.28 -0.93 -32.12
C ARG B 120 15.30 -1.71 -33.42
N LYS B 121 15.05 -1.03 -34.55
CA LYS B 121 15.06 -1.72 -35.85
C LYS B 121 16.47 -2.14 -36.26
N GLU B 122 17.50 -1.48 -35.74
CA GLU B 122 18.89 -1.80 -36.07
C GLU B 122 19.52 -2.85 -35.13
N GLU B 123 18.71 -3.47 -34.27
CA GLU B 123 19.26 -4.46 -33.35
C GLU B 123 19.72 -5.71 -34.06
N PRO B 124 20.95 -6.16 -33.78
CA PRO B 124 21.53 -7.36 -34.40
C PRO B 124 21.00 -8.63 -33.73
N PRO B 125 21.36 -9.80 -34.28
CA PRO B 125 20.91 -11.08 -33.73
C PRO B 125 21.63 -11.48 -32.44
N ASN B 126 20.94 -12.25 -31.60
CA ASN B 126 21.47 -12.75 -30.33
C ASN B 126 22.10 -11.76 -29.37
N VAL B 127 21.39 -10.68 -29.10
CA VAL B 127 21.87 -9.67 -28.17
C VAL B 127 20.68 -9.21 -27.33
N SER B 128 20.98 -8.58 -26.21
CA SER B 128 19.95 -8.05 -25.32
C SER B 128 19.71 -6.61 -25.80
N THR B 129 18.46 -6.29 -26.13
CA THR B 129 18.15 -4.95 -26.60
C THR B 129 18.73 -3.86 -25.70
N MSE B 130 18.56 -4.02 -24.38
CA MSE B 130 19.06 -3.00 -23.45
C MSE B 130 20.57 -2.88 -23.35
O MSE B 130 21.09 -1.79 -23.16
CB MSE B 130 18.47 -3.24 -22.06
CG MSE B 130 16.97 -2.93 -21.95
SE MSE B 130 16.50 -1.07 -22.40
CE MSE B 130 16.06 -1.37 -24.27
N GLU B 131 21.29 -4.00 -23.50
CA GLU B 131 22.75 -3.95 -23.42
C GLU B 131 23.29 -3.34 -24.72
N TRP B 132 22.80 -3.87 -25.84
CA TRP B 132 23.21 -3.40 -27.16
C TRP B 132 22.85 -1.94 -27.41
N GLY B 133 21.61 -1.57 -27.10
CA GLY B 133 21.16 -0.21 -27.31
C GLY B 133 21.93 0.81 -26.50
N THR B 134 22.23 0.47 -25.24
CA THR B 134 22.97 1.37 -24.37
C THR B 134 24.38 1.54 -24.95
N LYS B 135 24.99 0.42 -25.32
CA LYS B 135 26.33 0.45 -25.90
C LYS B 135 26.35 1.36 -27.13
N ILE B 136 25.47 1.10 -28.08
CA ILE B 136 25.39 1.91 -29.29
C ILE B 136 25.25 3.40 -28.97
N ALA B 137 24.30 3.72 -28.10
CA ALA B 137 24.04 5.11 -27.70
C ALA B 137 25.28 5.76 -27.08
N CYS B 138 26.01 5.01 -26.28
CA CYS B 138 27.20 5.54 -25.64
C CYS B 138 28.35 5.69 -26.65
N GLU B 139 28.57 4.67 -27.48
CA GLU B 139 29.65 4.74 -28.47
C GLU B 139 29.39 5.89 -29.42
N LYS B 140 28.11 6.13 -29.72
CA LYS B 140 27.72 7.22 -30.61
C LYS B 140 27.96 8.59 -29.98
N PHE B 141 27.84 8.66 -28.65
CA PHE B 141 28.03 9.90 -27.93
C PHE B 141 29.48 10.11 -27.49
N GLY B 142 30.24 9.02 -27.45
CA GLY B 142 31.62 9.09 -27.03
C GLY B 142 31.71 9.09 -25.50
N GLY B 143 30.72 8.48 -24.87
CA GLY B 143 30.67 8.41 -23.43
C GLY B 143 29.24 8.16 -22.95
N VAL B 144 28.98 8.38 -21.67
CA VAL B 144 27.64 8.18 -21.11
C VAL B 144 26.94 9.52 -21.04
N PRO B 145 25.81 9.67 -21.76
CA PRO B 145 25.07 10.93 -21.75
C PRO B 145 24.13 11.00 -20.56
N ASP B 146 23.36 12.09 -20.48
CA ASP B 146 22.40 12.27 -19.41
C ASP B 146 21.13 11.50 -19.79
N ILE B 147 20.92 11.37 -21.10
CA ILE B 147 19.72 10.72 -21.61
C ILE B 147 19.97 9.77 -22.77
N ILE B 148 19.31 8.62 -22.71
CA ILE B 148 19.37 7.64 -23.76
C ILE B 148 17.90 7.33 -24.01
N TYR B 149 17.43 7.64 -25.22
CA TYR B 149 16.04 7.40 -25.56
C TYR B 149 15.98 6.60 -26.83
N ASP B 150 14.80 6.10 -27.15
CA ASP B 150 14.58 5.36 -28.38
C ASP B 150 13.13 5.58 -28.75
N ARG B 151 12.83 5.59 -30.05
CA ARG B 151 11.48 5.86 -30.51
C ARG B 151 10.52 4.68 -30.48
N GLY B 152 10.92 3.60 -29.83
CA GLY B 152 10.06 2.44 -29.71
C GLY B 152 10.15 1.50 -30.89
N GLY B 153 9.19 0.60 -31.01
CA GLY B 153 9.20 -0.36 -32.10
C GLY B 153 8.00 -1.26 -32.02
N GLU B 154 8.05 -2.36 -32.77
CA GLU B 154 6.95 -3.31 -32.77
C GLU B 154 6.73 -3.84 -31.35
N GLY B 155 5.54 -3.56 -30.80
CA GLY B 155 5.20 -4.00 -29.46
C GLY B 155 5.93 -3.31 -28.32
N LYS B 156 6.70 -2.27 -28.63
CA LYS B 156 7.47 -1.56 -27.61
C LYS B 156 7.22 -0.06 -27.61
N GLU B 157 6.79 0.46 -26.48
CA GLU B 157 6.52 1.88 -26.39
C GLU B 157 7.85 2.64 -26.27
N PRO B 158 7.94 3.83 -26.90
CA PRO B 158 9.17 4.62 -26.83
C PRO B 158 9.56 4.93 -25.39
N MSE B 159 10.82 5.26 -25.14
CA MSE B 159 11.28 5.53 -23.78
C MSE B 159 12.41 6.52 -23.63
O MSE B 159 13.27 6.63 -24.51
CB MSE B 159 11.73 4.22 -23.12
CG MSE B 159 11.76 4.24 -21.60
SE MSE B 159 9.93 4.21 -20.93
CE MSE B 159 9.40 2.56 -21.79
N ILE B 160 12.43 7.24 -22.52
CA ILE B 160 13.52 8.17 -22.21
C ILE B 160 14.16 7.61 -20.94
N ARG B 161 15.45 7.38 -20.99
CA ARG B 161 16.16 6.85 -19.83
C ARG B 161 17.14 7.91 -19.32
N VAL B 162 16.97 8.29 -18.06
CA VAL B 162 17.81 9.30 -17.41
C VAL B 162 18.88 8.59 -16.56
N LEU B 163 20.15 8.90 -16.81
CA LEU B 163 21.25 8.28 -16.09
C LEU B 163 21.98 9.29 -15.22
N GLY B 164 22.77 8.80 -14.25
CA GLY B 164 23.50 9.69 -13.36
C GLY B 164 24.40 8.93 -12.41
N ARG B 165 25.12 9.66 -11.56
CA ARG B 165 26.04 9.04 -10.61
C ARG B 165 25.33 8.22 -9.54
N ASP B 166 24.18 8.72 -9.09
CA ASP B 166 23.37 8.00 -8.10
C ASP B 166 21.90 8.36 -8.30
N ALA B 167 21.02 7.61 -7.63
CA ALA B 167 19.59 7.81 -7.76
C ALA B 167 19.11 9.24 -7.49
N ILE B 168 19.72 9.92 -6.51
CA ILE B 168 19.32 11.27 -6.19
C ILE B 168 19.64 12.23 -7.33
N GLU B 169 20.80 12.03 -7.94
CA GLU B 169 21.21 12.86 -9.06
C GLU B 169 20.24 12.64 -10.23
N VAL B 170 19.81 11.40 -10.41
CA VAL B 170 18.89 11.07 -11.48
C VAL B 170 17.54 11.77 -11.27
N VAL B 171 17.03 11.71 -10.05
CA VAL B 171 15.76 12.33 -9.72
C VAL B 171 15.78 13.85 -9.87
N LYS B 172 16.93 14.47 -9.61
CA LYS B 172 17.05 15.91 -9.77
C LYS B 172 16.92 16.26 -11.26
N LYS B 173 17.58 15.49 -12.13
CA LYS B 173 17.48 15.72 -13.57
C LYS B 173 16.04 15.55 -14.04
N VAL B 174 15.41 14.47 -13.57
CA VAL B 174 14.02 14.17 -13.92
C VAL B 174 13.08 15.32 -13.53
N GLU B 175 13.34 15.95 -12.40
CA GLU B 175 12.52 17.07 -11.96
C GLU B 175 12.62 18.23 -12.95
N VAL B 176 13.84 18.48 -13.43
CA VAL B 176 14.06 19.54 -14.39
C VAL B 176 13.26 19.24 -15.65
N ILE B 177 13.36 18.00 -16.12
CA ILE B 177 12.66 17.55 -17.31
C ILE B 177 11.15 17.67 -17.11
N GLN B 178 10.69 17.28 -15.94
CA GLN B 178 9.26 17.32 -15.60
C GLN B 178 8.69 18.72 -15.69
N LYS B 179 9.42 19.71 -15.20
CA LYS B 179 8.94 21.08 -15.22
C LYS B 179 8.78 21.60 -16.65
N ILE B 180 9.68 21.16 -17.53
CA ILE B 180 9.62 21.56 -18.92
C ILE B 180 8.38 20.91 -19.51
N TYR B 181 8.22 19.62 -19.22
CA TYR B 181 7.07 18.87 -19.71
C TYR B 181 5.75 19.49 -19.24
N ASN B 182 5.71 19.97 -17.99
CA ASN B 182 4.49 20.57 -17.48
C ASN B 182 4.03 21.74 -18.34
N THR B 183 5.00 22.53 -18.82
CA THR B 183 4.71 23.68 -19.65
C THR B 183 4.14 23.18 -20.97
N LEU B 184 4.76 22.17 -21.56
CA LEU B 184 4.27 21.62 -22.82
C LEU B 184 2.84 21.12 -22.63
N GLU B 185 2.61 20.43 -21.53
CA GLU B 185 1.30 19.87 -21.22
C GLU B 185 0.24 20.95 -21.05
N GLY B 186 0.64 22.06 -20.42
CA GLY B 186 -0.28 23.14 -20.18
C GLY B 186 -0.48 24.11 -21.33
N HIS B 187 0.13 23.83 -22.48
CA HIS B 187 0.00 24.71 -23.63
C HIS B 187 -1.35 24.54 -24.35
N SER C 2 18.93 26.19 3.08
CA SER C 2 20.00 25.29 2.54
C SER C 2 20.46 24.31 3.60
N LEU C 3 20.75 24.81 4.81
CA LEU C 3 21.21 23.95 5.90
C LEU C 3 20.16 22.89 6.25
N THR C 4 18.94 23.34 6.52
CA THR C 4 17.84 22.43 6.87
C THR C 4 17.61 21.34 5.81
N TYR C 5 17.61 21.73 4.54
CA TYR C 5 17.42 20.76 3.45
C TYR C 5 18.43 19.63 3.61
N ILE C 6 19.69 20.00 3.87
CA ILE C 6 20.79 19.05 4.04
C ILE C 6 20.59 18.12 5.26
N ASN C 7 20.17 18.69 6.39
CA ASN C 7 19.96 17.91 7.60
C ASN C 7 18.75 16.99 7.51
N LYS C 8 17.69 17.44 6.84
CA LYS C 8 16.49 16.63 6.68
C LYS C 8 16.78 15.39 5.83
N GLU C 9 17.59 15.57 4.78
CA GLU C 9 17.94 14.46 3.90
C GLU C 9 18.58 13.32 4.70
N LYS C 10 19.47 13.68 5.61
CA LYS C 10 20.16 12.68 6.43
C LYS C 10 19.16 11.92 7.29
N VAL C 11 18.21 12.63 7.87
CA VAL C 11 17.18 12.02 8.72
C VAL C 11 16.34 11.03 7.93
N ILE C 12 15.92 11.44 6.75
CA ILE C 12 15.09 10.59 5.89
C ILE C 12 15.85 9.33 5.49
N LYS C 13 17.11 9.47 5.08
CA LYS C 13 17.91 8.31 4.67
C LYS C 13 18.07 7.34 5.83
N ASN C 14 18.31 7.90 7.01
CA ASN C 14 18.48 7.09 8.21
C ASN C 14 17.25 6.30 8.55
N LEU C 15 16.09 6.95 8.56
CA LEU C 15 14.84 6.27 8.87
C LEU C 15 14.54 5.22 7.83
N SER C 16 14.81 5.57 6.57
CA SER C 16 14.56 4.67 5.45
C SER C 16 15.35 3.37 5.54
N TYR C 17 16.63 3.46 5.88
CA TYR C 17 17.45 2.27 5.98
C TYR C 17 17.05 1.44 7.19
N ALA C 18 16.63 2.11 8.27
CA ALA C 18 16.19 1.42 9.49
C ALA C 18 14.97 0.54 9.20
N ILE C 19 14.05 1.07 8.40
CA ILE C 19 12.83 0.35 8.04
C ILE C 19 13.22 -0.82 7.13
N TYR C 20 14.17 -0.55 6.24
CA TYR C 20 14.69 -1.57 5.32
C TYR C 20 15.19 -2.75 6.15
N LEU C 21 16.00 -2.46 7.15
CA LEU C 21 16.55 -3.50 8.02
C LEU C 21 15.43 -4.20 8.76
N LEU C 22 14.49 -3.41 9.28
CA LEU C 22 13.37 -3.97 10.01
C LEU C 22 12.54 -4.95 9.19
N LYS C 23 12.28 -4.57 7.94
CA LYS C 23 11.50 -5.41 7.05
C LYS C 23 12.11 -6.79 6.95
N LYS C 24 13.44 -6.88 7.05
CA LYS C 24 14.15 -8.15 6.97
C LYS C 24 13.95 -9.01 8.23
N MSE C 25 13.77 -8.33 9.35
CA MSE C 25 13.61 -8.99 10.64
C MSE C 25 12.31 -9.72 10.89
O MSE C 25 11.30 -9.50 10.21
CB MSE C 25 13.77 -7.97 11.76
CG MSE C 25 15.18 -7.67 12.15
SE MSE C 25 15.10 -6.28 13.46
CE MSE C 25 16.37 -5.08 12.64
N ASN C 26 12.36 -10.59 11.90
CA ASN C 26 11.21 -11.36 12.32
C ASN C 26 10.68 -10.60 13.53
N PHE C 27 10.34 -9.34 13.30
CA PHE C 27 9.83 -8.47 14.36
C PHE C 27 8.49 -8.94 14.88
N THR C 28 8.46 -9.34 16.15
CA THR C 28 7.22 -9.80 16.77
C THR C 28 6.84 -8.98 18.00
N LEU C 29 7.77 -8.16 18.50
CA LEU C 29 7.48 -7.33 19.66
C LEU C 29 6.60 -6.13 19.28
N ILE C 30 5.42 -6.43 18.72
CA ILE C 30 4.49 -5.39 18.28
C ILE C 30 3.32 -5.17 19.25
N PRO C 31 3.20 -3.97 19.83
CA PRO C 31 2.11 -3.66 20.76
C PRO C 31 0.80 -3.49 20.01
N GLU C 32 -0.31 -3.69 20.71
CA GLU C 32 -1.62 -3.57 20.09
C GLU C 32 -1.87 -2.19 19.50
N VAL C 33 -1.13 -1.18 19.96
CA VAL C 33 -1.30 0.17 19.41
C VAL C 33 -0.36 0.44 18.22
N GLY C 34 0.42 -0.58 17.87
CA GLY C 34 1.35 -0.47 16.77
C GLY C 34 2.64 0.23 17.19
N SER C 35 3.69 0.02 16.41
CA SER C 35 4.98 0.65 16.68
C SER C 35 5.28 1.69 15.63
N ASN C 36 6.07 2.68 16.01
CA ASN C 36 6.49 3.70 15.07
C ASN C 36 7.94 3.95 15.42
N ILE C 37 8.68 4.54 14.49
CA ILE C 37 10.08 4.84 14.73
C ILE C 37 10.28 6.25 14.20
N ALA C 38 10.98 7.07 14.99
CA ALA C 38 11.20 8.46 14.61
C ALA C 38 12.63 8.91 14.87
N GLU C 39 13.01 10.00 14.21
CA GLU C 39 14.34 10.58 14.35
C GLU C 39 14.24 12.08 14.11
N SER C 40 14.96 12.86 14.91
CA SER C 40 14.90 14.31 14.80
C SER C 40 16.13 14.94 14.15
N LEU C 41 15.94 16.17 13.67
CA LEU C 41 17.02 16.95 13.10
C LEU C 41 17.84 17.32 14.34
N PRO C 42 19.03 17.92 14.16
CA PRO C 42 19.79 18.28 15.36
C PRO C 42 19.13 19.46 16.07
N PHE C 43 19.17 19.48 17.41
CA PHE C 43 18.58 20.57 18.20
C PHE C 43 17.11 20.82 17.85
N PRO C 44 16.26 19.77 17.93
CA PRO C 44 14.84 19.91 17.61
C PRO C 44 14.10 20.91 18.50
N LYS C 45 13.14 21.63 17.92
CA LYS C 45 12.38 22.61 18.69
C LYS C 45 10.96 22.11 18.93
N ASP C 46 10.33 21.58 17.89
CA ASP C 46 8.98 21.05 17.99
C ASP C 46 8.86 19.77 17.15
N PHE C 47 7.75 19.06 17.30
CA PHE C 47 7.55 17.80 16.60
C PHE C 47 7.80 17.87 15.10
N LYS C 48 7.61 19.03 14.50
CA LYS C 48 7.82 19.17 13.06
C LYS C 48 9.30 19.00 12.68
N ASP C 49 10.17 18.95 13.68
CA ASP C 49 11.60 18.75 13.43
C ASP C 49 11.90 17.26 13.56
N VAL C 50 10.84 16.47 13.65
CA VAL C 50 10.97 15.03 13.79
C VAL C 50 10.20 14.33 12.68
N ALA C 51 10.84 13.35 12.04
CA ALA C 51 10.21 12.59 10.97
C ALA C 51 9.88 11.18 11.47
N ALA C 52 8.92 10.53 10.83
CA ALA C 52 8.51 9.18 11.22
C ALA C 52 7.46 8.65 10.26
N LEU C 53 6.98 7.44 10.51
CA LEU C 53 5.94 6.86 9.66
C LEU C 53 4.65 7.64 9.84
N THR C 54 3.89 7.80 8.75
CA THR C 54 2.61 8.49 8.81
C THR C 54 1.58 7.49 9.30
N GLY C 55 1.91 6.21 9.17
CA GLY C 55 1.04 5.14 9.64
C GLY C 55 1.69 4.54 10.87
N ARG C 56 1.88 3.23 10.87
CA ARG C 56 2.52 2.55 11.99
C ARG C 56 2.87 1.15 11.55
N ILE C 57 3.58 0.42 12.40
CA ILE C 57 3.95 -0.95 12.08
C ILE C 57 2.98 -1.79 12.90
N ILE C 58 2.10 -2.51 12.22
CA ILE C 58 1.10 -3.33 12.89
C ILE C 58 1.18 -4.80 12.52
N LYS C 59 0.59 -5.66 13.33
CA LYS C 59 0.60 -7.08 13.08
C LYS C 59 -0.29 -7.45 11.90
N ASN C 60 0.05 -8.57 11.25
CA ASN C 60 -0.70 -9.11 10.12
C ASN C 60 -1.23 -10.44 10.66
N LYS C 61 -2.55 -10.60 10.69
CA LYS C 61 -3.15 -11.83 11.19
C LYS C 61 -2.60 -13.05 10.45
N LEU C 62 -2.32 -12.89 9.17
CA LEU C 62 -1.79 -13.97 8.34
C LEU C 62 -0.35 -14.32 8.71
N GLY C 63 0.23 -13.54 9.62
CA GLY C 63 1.60 -13.77 10.02
C GLY C 63 2.48 -12.63 9.57
N GLY C 64 3.49 -12.30 10.37
CA GLY C 64 4.37 -11.22 10.00
C GLY C 64 3.76 -9.89 10.42
N PHE C 65 4.08 -8.84 9.67
CA PHE C 65 3.58 -7.52 10.00
C PHE C 65 3.52 -6.61 8.78
N TYR C 66 2.87 -5.47 8.96
CA TYR C 66 2.73 -4.47 7.90
C TYR C 66 3.41 -3.17 8.33
N ILE C 67 4.23 -2.60 7.46
CA ILE C 67 4.87 -1.33 7.76
C ILE C 67 4.00 -0.37 6.95
N VAL C 68 3.16 0.40 7.65
CA VAL C 68 2.23 1.30 6.99
C VAL C 68 2.59 2.78 6.88
N GLY C 69 2.49 3.31 5.66
CA GLY C 69 2.76 4.71 5.45
C GLY C 69 4.11 5.13 4.90
N ASP C 70 4.31 6.44 4.86
CA ASP C 70 5.54 7.05 4.36
C ASP C 70 6.28 7.69 5.52
N ILE C 71 7.54 8.02 5.30
CA ILE C 71 8.33 8.69 6.31
C ILE C 71 8.22 10.17 5.98
N GLU C 72 7.73 10.94 6.96
CA GLU C 72 7.55 12.38 6.80
C GLU C 72 7.83 13.08 8.11
N PHE C 73 8.17 14.37 8.01
CA PHE C 73 8.43 15.17 9.18
C PHE C 73 7.09 15.52 9.81
N GLY C 74 7.08 15.68 11.13
CA GLY C 74 5.85 16.02 11.83
C GLY C 74 4.82 14.90 11.78
N ALA C 75 5.28 13.66 11.59
CA ALA C 75 4.36 12.54 11.52
C ALA C 75 4.10 11.87 12.88
N SER C 76 4.84 12.26 13.91
CA SER C 76 4.63 11.65 15.22
C SER C 76 4.84 12.55 16.44
N GLU C 77 3.81 13.33 16.77
CA GLU C 77 3.87 14.21 17.93
C GLU C 77 4.21 13.37 19.15
N HIS C 78 3.52 12.23 19.28
CA HIS C 78 3.75 11.33 20.40
C HIS C 78 5.24 11.08 20.57
N ILE C 79 5.84 10.32 19.64
CA ILE C 79 7.27 10.00 19.72
C ILE C 79 8.17 11.23 19.76
N ALA C 80 7.78 12.28 19.04
CA ALA C 80 8.56 13.50 19.01
C ALA C 80 8.74 14.02 20.43
N LYS C 81 7.67 13.95 21.23
CA LYS C 81 7.73 14.42 22.61
C LYS C 81 8.83 13.69 23.39
N ILE C 82 8.99 12.39 23.16
CA ILE C 82 10.01 11.63 23.86
C ILE C 82 11.40 12.10 23.47
N ILE C 83 11.64 12.24 22.16
CA ILE C 83 12.94 12.67 21.68
C ILE C 83 13.33 14.07 22.14
N LEU C 84 12.46 15.06 21.90
CA LEU C 84 12.79 16.41 22.32
C LEU C 84 13.10 16.50 23.80
N SER C 85 12.43 15.68 24.62
CA SER C 85 12.67 15.70 26.06
C SER C 85 14.01 15.07 26.42
N ALA C 86 14.34 13.96 25.76
CA ALA C 86 15.61 13.30 26.04
C ALA C 86 16.75 14.13 25.45
N SER C 87 16.43 14.97 24.47
CA SER C 87 17.44 15.80 23.84
C SER C 87 17.90 16.89 24.81
N LYS C 88 17.11 17.15 25.84
CA LYS C 88 17.46 18.18 26.81
C LYS C 88 18.47 17.60 27.80
N PHE C 89 18.72 16.31 27.70
CA PHE C 89 19.67 15.63 28.57
C PHE C 89 20.88 15.18 27.78
N ASN C 90 20.74 15.10 26.45
CA ASN C 90 21.81 14.68 25.57
C ASN C 90 21.37 14.97 24.13
N PRO C 91 21.94 16.03 23.52
CA PRO C 91 21.59 16.43 22.15
C PRO C 91 21.93 15.37 21.09
N GLU C 92 22.68 14.36 21.49
CA GLU C 92 23.08 13.29 20.58
C GLU C 92 21.92 12.35 20.28
N ILE C 93 21.04 12.16 21.26
CA ILE C 93 19.87 11.30 21.09
C ILE C 93 18.81 11.96 20.19
N ARG C 94 18.59 11.40 18.99
CA ARG C 94 17.58 11.98 18.10
C ARG C 94 16.56 10.96 17.57
N ALA C 95 16.71 9.69 17.93
CA ALA C 95 15.79 8.67 17.44
C ALA C 95 15.21 7.76 18.51
N CYS C 96 13.97 7.31 18.29
CA CYS C 96 13.29 6.43 19.23
C CYS C 96 12.25 5.54 18.53
N MSE C 97 11.98 4.39 19.13
CA MSE C 97 11.00 3.45 18.61
C MSE C 97 10.32 2.77 19.79
O MSE C 97 10.98 2.42 20.76
CB MSE C 97 11.67 2.39 17.71
CG MSE C 97 10.73 1.25 17.27
SE MSE C 97 11.51 -0.05 16.03
CE MSE C 97 9.96 -1.16 15.69
N ASN C 98 9.00 2.61 19.72
CA ASN C 98 8.29 1.94 20.81
C ASN C 98 7.97 0.51 20.42
N ILE C 99 8.27 -0.42 21.33
CA ILE C 99 8.00 -1.83 21.09
C ILE C 99 7.22 -2.45 22.24
N LYS C 100 6.77 -3.69 22.04
CA LYS C 100 5.97 -4.42 23.01
C LYS C 100 6.63 -4.60 24.38
N TYR C 101 5.84 -4.46 25.44
CA TYR C 101 6.34 -4.63 26.79
C TYR C 101 6.16 -6.07 27.26
N ASP C 102 7.08 -6.52 28.10
CA ASP C 102 7.05 -7.87 28.67
C ASP C 102 7.92 -7.90 29.92
N GLY C 103 7.33 -8.26 31.05
CA GLY C 103 8.06 -8.32 32.30
C GLY C 103 9.33 -9.14 32.30
N GLY C 104 9.23 -10.39 31.83
CA GLY C 104 10.39 -11.26 31.79
C GLY C 104 11.50 -10.72 30.91
N LEU C 105 11.12 -10.17 29.76
CA LEU C 105 12.07 -9.61 28.81
C LEU C 105 12.76 -8.40 29.45
N ILE C 106 11.99 -7.59 30.18
CA ILE C 106 12.51 -6.39 30.84
C ILE C 106 13.63 -6.69 31.83
N LYS C 107 13.47 -7.74 32.62
CA LYS C 107 14.50 -8.12 33.58
C LYS C 107 15.80 -8.44 32.87
N LEU C 108 15.70 -9.21 31.78
CA LEU C 108 16.85 -9.62 30.99
C LEU C 108 17.49 -8.45 30.24
N LEU C 109 16.75 -7.37 30.08
CA LEU C 109 17.28 -6.21 29.39
C LEU C 109 18.07 -5.34 30.36
N LYS C 110 17.64 -5.33 31.62
CA LYS C 110 18.29 -4.54 32.67
C LYS C 110 19.77 -4.91 32.88
N ASP C 111 20.13 -6.13 32.53
CA ASP C 111 21.49 -6.66 32.65
C ASP C 111 22.34 -6.37 31.42
N LYS C 112 21.74 -5.77 30.39
CA LYS C 112 22.51 -5.48 29.19
C LYS C 112 22.35 -4.05 28.68
N PHE C 113 21.28 -3.38 29.07
CA PHE C 113 21.05 -2.01 28.61
C PHE C 113 20.88 -1.04 29.78
N ALA C 114 21.00 0.24 29.47
CA ALA C 114 20.82 1.29 30.46
C ALA C 114 19.32 1.52 30.52
N VAL C 115 18.68 1.00 31.56
CA VAL C 115 17.23 1.14 31.72
C VAL C 115 16.78 2.07 32.84
N SER C 116 15.77 2.88 32.53
CA SER C 116 15.20 3.80 33.51
C SER C 116 13.71 3.67 33.23
N SER C 117 12.89 4.44 33.95
CA SER C 117 11.44 4.37 33.72
C SER C 117 10.67 5.48 34.39
N PHE C 118 9.34 5.31 34.40
CA PHE C 118 8.44 6.28 35.01
C PHE C 118 7.10 5.59 35.19
N ASP C 119 6.31 6.09 36.13
CA ASP C 119 4.99 5.52 36.38
C ASP C 119 3.90 6.51 36.04
N ARG C 120 2.92 6.05 35.26
CA ARG C 120 1.82 6.89 34.83
C ARG C 120 0.94 7.48 35.92
N LYS C 121 0.84 6.81 37.07
CA LYS C 121 0.01 7.33 38.15
C LYS C 121 0.59 8.56 38.87
N GLU C 122 1.92 8.70 38.87
CA GLU C 122 2.54 9.84 39.54
C GLU C 122 2.38 11.14 38.75
N GLU C 123 2.20 11.03 37.44
CA GLU C 123 2.05 12.18 36.57
C GLU C 123 1.36 13.37 37.23
N PRO C 124 2.05 14.51 37.34
CA PRO C 124 1.46 15.71 37.97
C PRO C 124 0.47 16.34 37.00
N PRO C 125 -0.51 17.08 37.52
CA PRO C 125 -1.51 17.72 36.66
C PRO C 125 -0.88 18.68 35.64
N ASN C 126 -1.65 19.03 34.63
CA ASN C 126 -1.24 19.95 33.57
C ASN C 126 0.12 19.69 32.94
N VAL C 127 0.33 18.47 32.47
CA VAL C 127 1.59 18.12 31.82
C VAL C 127 1.32 17.05 30.76
N SER C 128 2.28 16.90 29.85
CA SER C 128 2.21 15.90 28.79
C SER C 128 2.82 14.62 29.35
N THR C 129 2.07 13.53 29.31
CA THR C 129 2.57 12.27 29.85
C THR C 129 3.96 11.89 29.32
N MSE C 130 4.17 12.01 28.02
CA MSE C 130 5.46 11.66 27.43
C MSE C 130 6.59 12.62 27.81
O MSE C 130 7.68 12.18 28.18
CB MSE C 130 5.34 11.52 25.92
CG MSE C 130 4.51 10.30 25.46
SE MSE C 130 5.24 8.56 26.03
CE MSE C 130 4.26 8.34 27.68
N GLU C 131 6.33 13.91 27.73
CA GLU C 131 7.35 14.90 28.10
C GLU C 131 7.74 14.68 29.55
N TRP C 132 6.73 14.57 30.41
CA TRP C 132 6.95 14.36 31.84
C TRP C 132 7.64 13.04 32.11
N GLY C 133 7.05 11.95 31.64
CA GLY C 133 7.62 10.63 31.85
C GLY C 133 9.06 10.50 31.39
N THR C 134 9.36 11.02 30.21
CA THR C 134 10.72 10.94 29.68
C THR C 134 11.66 11.75 30.56
N LYS C 135 11.26 12.98 30.88
CA LYS C 135 12.08 13.85 31.72
C LYS C 135 12.35 13.18 33.07
N ILE C 136 11.31 12.59 33.67
CA ILE C 136 11.47 11.91 34.95
C ILE C 136 12.40 10.71 34.81
N ALA C 137 12.23 9.96 33.72
CA ALA C 137 13.05 8.78 33.47
C ALA C 137 14.52 9.14 33.29
N CYS C 138 14.78 10.29 32.66
CA CYS C 138 16.15 10.74 32.44
C CYS C 138 16.74 11.38 33.69
N GLU C 139 15.94 12.19 34.40
CA GLU C 139 16.41 12.80 35.65
C GLU C 139 16.80 11.68 36.60
N LYS C 140 16.03 10.61 36.54
CA LYS C 140 16.22 9.42 37.36
C LYS C 140 17.46 8.61 36.99
N PHE C 141 17.79 8.59 35.70
CA PHE C 141 18.93 7.82 35.23
C PHE C 141 20.23 8.61 35.28
N GLY C 142 20.14 9.92 35.08
CA GLY C 142 21.32 10.77 35.10
C GLY C 142 21.76 11.13 33.68
N GLY C 143 20.89 10.81 32.73
CA GLY C 143 21.16 11.09 31.34
C GLY C 143 20.15 10.30 30.52
N VAL C 144 20.44 10.08 29.25
CA VAL C 144 19.54 9.35 28.39
C VAL C 144 19.95 7.87 28.30
N PRO C 145 19.13 6.98 28.88
CA PRO C 145 19.40 5.54 28.87
C PRO C 145 18.94 4.91 27.56
N ASP C 146 19.25 3.63 27.38
CA ASP C 146 18.87 2.91 26.17
C ASP C 146 17.36 2.70 26.13
N ILE C 147 16.83 2.28 27.28
CA ILE C 147 15.41 1.97 27.40
C ILE C 147 14.67 2.76 28.47
N ILE C 148 13.44 3.14 28.13
CA ILE C 148 12.55 3.87 29.02
C ILE C 148 11.23 3.11 28.88
N TYR C 149 10.76 2.52 29.98
CA TYR C 149 9.51 1.76 29.95
C TYR C 149 8.57 2.24 31.05
N ASP C 150 7.34 1.74 31.00
CA ASP C 150 6.32 2.06 31.99
C ASP C 150 5.36 0.89 31.96
N ARG C 151 4.77 0.57 33.11
CA ARG C 151 3.85 -0.57 33.20
C ARG C 151 2.46 -0.29 32.65
N GLY C 152 2.24 0.88 32.09
CA GLY C 152 0.94 1.21 31.55
C GLY C 152 0.04 1.80 32.62
N GLY C 153 -1.26 1.66 32.43
CA GLY C 153 -2.22 2.19 33.39
C GLY C 153 -3.63 2.22 32.86
N GLU C 154 -4.44 3.12 33.40
CA GLU C 154 -5.82 3.27 32.98
C GLU C 154 -5.91 3.67 31.49
N GLY C 155 -6.40 2.73 30.68
CA GLY C 155 -6.54 2.98 29.25
C GLY C 155 -5.23 3.05 28.48
N LYS C 156 -4.14 2.60 29.09
CA LYS C 156 -2.83 2.65 28.45
C LYS C 156 -2.06 1.34 28.57
N GLU C 157 -1.67 0.80 27.42
CA GLU C 157 -0.92 -0.44 27.35
C GLU C 157 0.54 -0.20 27.79
N PRO C 158 1.16 -1.20 28.44
CA PRO C 158 2.55 -1.08 28.90
C PRO C 158 3.47 -0.99 27.68
N MSE C 159 4.54 -0.19 27.78
CA MSE C 159 5.43 -0.02 26.64
C MSE C 159 6.92 -0.02 26.94
O MSE C 159 7.35 0.31 28.05
CB MSE C 159 5.08 1.29 25.93
CG MSE C 159 5.51 1.37 24.49
SE MSE C 159 4.45 0.18 23.42
CE MSE C 159 2.76 1.12 23.57
N ILE C 160 7.72 -0.36 25.92
CA ILE C 160 9.18 -0.36 26.00
C ILE C 160 9.62 0.60 24.91
N ARG C 161 10.41 1.61 25.28
CA ARG C 161 10.87 2.60 24.30
C ARG C 161 12.38 2.56 24.16
N VAL C 162 12.85 2.21 22.96
CA VAL C 162 14.28 2.13 22.69
C VAL C 162 14.76 3.44 22.06
N LEU C 163 15.77 4.06 22.66
CA LEU C 163 16.29 5.32 22.13
C LEU C 163 17.70 5.17 21.54
N GLY C 164 18.15 6.21 20.84
CA GLY C 164 19.47 6.19 20.25
C GLY C 164 19.86 7.44 19.49
N ARG C 165 21.06 7.42 18.92
CA ARG C 165 21.59 8.54 18.14
C ARG C 165 20.93 8.60 16.77
N ASP C 166 20.39 7.49 16.31
CA ASP C 166 19.69 7.51 15.03
C ASP C 166 18.83 6.27 14.89
N ALA C 167 17.95 6.28 13.89
CA ALA C 167 17.03 5.16 13.67
C ALA C 167 17.75 3.84 13.46
N ILE C 168 18.88 3.86 12.77
CA ILE C 168 19.63 2.64 12.52
C ILE C 168 20.16 2.08 13.84
N GLU C 169 20.68 2.97 14.69
CA GLU C 169 21.19 2.57 16.01
C GLU C 169 20.05 1.87 16.76
N VAL C 170 18.91 2.53 16.82
CA VAL C 170 17.73 2.01 17.51
C VAL C 170 17.34 0.64 16.96
N VAL C 171 17.20 0.53 15.64
CA VAL C 171 16.83 -0.73 15.05
C VAL C 171 17.82 -1.84 15.42
N LYS C 172 19.11 -1.52 15.39
CA LYS C 172 20.12 -2.52 15.76
C LYS C 172 19.84 -2.99 17.18
N LYS C 173 19.55 -2.04 18.07
CA LYS C 173 19.25 -2.37 19.45
C LYS C 173 18.01 -3.27 19.52
N VAL C 174 16.98 -2.91 18.76
CA VAL C 174 15.75 -3.69 18.77
C VAL C 174 16.00 -5.13 18.32
N GLU C 175 16.94 -5.31 17.40
CA GLU C 175 17.24 -6.67 16.91
C GLU C 175 17.85 -7.51 18.03
N VAL C 176 18.68 -6.88 18.85
CA VAL C 176 19.30 -7.56 19.98
C VAL C 176 18.19 -7.93 20.96
N ILE C 177 17.30 -6.97 21.23
CA ILE C 177 16.19 -7.19 22.14
C ILE C 177 15.29 -8.33 21.65
N GLN C 178 14.96 -8.32 20.37
CA GLN C 178 14.11 -9.35 19.77
C GLN C 178 14.70 -10.74 20.00
N LYS C 179 16.01 -10.84 19.86
CA LYS C 179 16.72 -12.10 20.07
C LYS C 179 16.59 -12.55 21.52
N ILE C 180 16.90 -11.63 22.43
CA ILE C 180 16.80 -11.91 23.86
C ILE C 180 15.39 -12.45 24.15
N TYR C 181 14.39 -11.79 23.56
CA TYR C 181 13.00 -12.14 23.75
C TYR C 181 12.63 -13.52 23.22
N ASN C 182 13.25 -13.94 22.12
CA ASN C 182 12.95 -15.24 21.54
C ASN C 182 13.38 -16.43 22.40
N THR C 183 14.28 -16.19 23.34
CA THR C 183 14.74 -17.26 24.22
C THR C 183 13.78 -17.42 25.40
N LEU C 184 12.56 -16.93 25.24
CA LEU C 184 11.55 -17.03 26.29
C LEU C 184 10.33 -17.81 25.83
N GLU C 185 9.80 -17.45 24.66
CA GLU C 185 8.62 -18.13 24.12
C GLU C 185 8.87 -19.63 23.99
N TYR D 5 -29.91 -16.28 0.51
CA TYR D 5 -28.74 -17.14 0.85
C TYR D 5 -27.61 -16.26 1.38
N ILE D 6 -26.82 -16.80 2.31
CA ILE D 6 -25.69 -16.08 2.88
C ILE D 6 -24.51 -17.02 3.05
N ASN D 7 -23.66 -17.08 2.02
CA ASN D 7 -22.47 -17.94 2.04
C ASN D 7 -21.23 -17.05 2.16
N LYS D 8 -20.05 -17.67 2.08
CA LYS D 8 -18.81 -16.93 2.20
C LYS D 8 -18.70 -15.80 1.18
N GLU D 9 -19.05 -16.10 -0.07
CA GLU D 9 -19.00 -15.10 -1.14
C GLU D 9 -19.79 -13.86 -0.75
N LYS D 10 -21.00 -14.07 -0.22
CA LYS D 10 -21.86 -12.97 0.19
C LYS D 10 -21.17 -12.12 1.26
N VAL D 11 -20.58 -12.78 2.26
CA VAL D 11 -19.88 -12.09 3.35
C VAL D 11 -18.67 -11.28 2.87
N ILE D 12 -17.87 -11.85 1.98
CA ILE D 12 -16.69 -11.16 1.45
C ILE D 12 -17.16 -9.94 0.64
N LYS D 13 -18.25 -10.07 -0.09
CA LYS D 13 -18.79 -8.96 -0.89
C LYS D 13 -19.30 -7.85 0.02
N ASN D 14 -20.00 -8.26 1.08
CA ASN D 14 -20.57 -7.34 2.06
C ASN D 14 -19.48 -6.49 2.67
N LEU D 15 -18.48 -7.14 3.23
CA LEU D 15 -17.37 -6.44 3.87
C LEU D 15 -16.62 -5.54 2.87
N SER D 16 -16.42 -6.04 1.65
CA SER D 16 -15.74 -5.28 0.59
C SER D 16 -16.48 -3.99 0.28
N TYR D 17 -17.81 -4.09 0.12
CA TYR D 17 -18.60 -2.92 -0.17
C TYR D 17 -18.63 -1.97 1.04
N ALA D 18 -18.60 -2.53 2.25
CA ALA D 18 -18.60 -1.73 3.48
C ALA D 18 -17.31 -0.91 3.52
N ILE D 19 -16.18 -1.55 3.20
CA ILE D 19 -14.88 -0.86 3.18
C ILE D 19 -14.92 0.27 2.12
N TYR D 20 -15.48 -0.07 0.96
CA TYR D 20 -15.63 0.88 -0.15
C TYR D 20 -16.35 2.13 0.34
N LEU D 21 -17.48 1.94 1.02
CA LEU D 21 -18.24 3.08 1.54
C LEU D 21 -17.39 3.84 2.55
N LEU D 22 -16.68 3.11 3.39
CA LEU D 22 -15.84 3.69 4.41
C LEU D 22 -14.75 4.57 3.80
N LYS D 23 -14.23 4.17 2.64
CA LYS D 23 -13.19 4.94 1.97
C LYS D 23 -13.71 6.31 1.51
N LYS D 24 -15.02 6.43 1.35
CA LYS D 24 -15.63 7.68 0.92
C LYS D 24 -15.80 8.61 2.13
N MSE D 25 -15.76 8.04 3.32
CA MSE D 25 -15.97 8.79 4.56
C MSE D 25 -14.78 9.49 5.17
O MSE D 25 -13.63 9.07 5.02
CB MSE D 25 -16.52 7.86 5.63
CG MSE D 25 -17.98 7.98 5.91
SE MSE D 25 -18.47 6.42 6.93
CE MSE D 25 -19.21 5.40 5.47
N ASN D 26 -15.06 10.57 5.90
CA ASN D 26 -14.03 11.31 6.60
C ASN D 26 -14.08 10.70 7.99
N PHE D 27 -13.69 9.43 8.03
CA PHE D 27 -13.68 8.62 9.24
C PHE D 27 -12.51 8.97 10.15
N THR D 28 -12.81 9.47 11.34
CA THR D 28 -11.75 9.83 12.28
C THR D 28 -11.93 9.15 13.61
N LEU D 29 -13.00 8.37 13.74
CA LEU D 29 -13.29 7.67 15.00
C LEU D 29 -12.45 6.41 15.15
N ILE D 30 -11.15 6.57 15.01
CA ILE D 30 -10.24 5.44 15.10
C ILE D 30 -9.50 5.43 16.43
N PRO D 31 -9.57 4.31 17.15
CA PRO D 31 -8.88 4.22 18.45
C PRO D 31 -7.38 3.98 18.26
N GLU D 32 -6.63 4.17 19.33
CA GLU D 32 -5.18 3.96 19.30
C GLU D 32 -4.82 2.55 18.82
N VAL D 33 -5.68 1.57 19.09
CA VAL D 33 -5.41 0.21 18.65
C VAL D 33 -5.96 -0.07 17.25
N GLY D 34 -6.51 0.96 16.62
CA GLY D 34 -7.05 0.80 15.28
C GLY D 34 -8.39 0.11 15.21
N SER D 35 -9.12 0.32 14.12
CA SER D 35 -10.43 -0.29 13.93
C SER D 35 -10.40 -1.47 12.97
N ASN D 36 -11.35 -2.38 13.15
CA ASN D 36 -11.50 -3.53 12.27
C ASN D 36 -13.00 -3.72 12.13
N ILE D 37 -13.43 -4.30 11.01
CA ILE D 37 -14.85 -4.53 10.78
C ILE D 37 -14.97 -5.99 10.43
N ALA D 38 -15.99 -6.65 10.97
CA ALA D 38 -16.16 -8.06 10.72
C ALA D 38 -17.62 -8.45 10.50
N GLU D 39 -17.80 -9.59 9.81
CA GLU D 39 -19.11 -10.15 9.52
C GLU D 39 -19.00 -11.66 9.45
N SER D 40 -19.98 -12.34 10.00
CA SER D 40 -19.97 -13.79 10.04
C SER D 40 -21.03 -14.41 9.14
N LEU D 41 -20.89 -15.72 8.94
CA LEU D 41 -21.87 -16.49 8.18
C LEU D 41 -23.02 -16.61 9.19
N PRO D 42 -24.23 -16.95 8.74
CA PRO D 42 -25.29 -17.04 9.75
C PRO D 42 -25.01 -18.17 10.73
N PHE D 43 -25.38 -17.97 12.00
CA PHE D 43 -25.17 -18.98 13.04
C PHE D 43 -23.72 -19.44 13.08
N PRO D 44 -22.77 -18.52 13.30
CA PRO D 44 -21.34 -18.87 13.34
C PRO D 44 -20.98 -19.78 14.52
N LYS D 45 -20.14 -20.77 14.25
CA LYS D 45 -19.70 -21.72 15.27
C LYS D 45 -18.44 -21.21 15.98
N ASP D 46 -17.43 -20.86 15.21
CA ASP D 46 -16.18 -20.35 15.77
C ASP D 46 -15.74 -19.11 14.99
N PHE D 47 -14.54 -18.63 15.25
CA PHE D 47 -14.05 -17.43 14.57
C PHE D 47 -13.72 -17.65 13.10
N LYS D 48 -13.64 -18.90 12.68
CA LYS D 48 -13.34 -19.23 11.30
C LYS D 48 -14.55 -18.91 10.42
N ASP D 49 -15.71 -18.75 11.03
CA ASP D 49 -16.92 -18.41 10.28
C ASP D 49 -17.10 -16.90 10.27
N VAL D 50 -16.07 -16.18 10.69
CA VAL D 50 -16.10 -14.73 10.74
C VAL D 50 -14.95 -14.12 9.94
N ALA D 51 -15.28 -13.20 9.04
CA ALA D 51 -14.28 -12.54 8.21
C ALA D 51 -14.01 -11.12 8.68
N ALA D 52 -12.80 -10.64 8.43
CA ALA D 52 -12.38 -9.30 8.83
C ALA D 52 -11.06 -8.97 8.14
N LEU D 53 -10.54 -7.77 8.40
CA LEU D 53 -9.26 -7.35 7.83
C LEU D 53 -8.12 -8.05 8.54
N THR D 54 -7.12 -8.50 7.79
CA THR D 54 -5.95 -9.16 8.34
C THR D 54 -5.08 -8.09 9.01
N GLY D 55 -5.29 -6.85 8.60
CA GLY D 55 -4.56 -5.73 9.18
C GLY D 55 -5.47 -4.99 10.13
N ARG D 56 -5.67 -3.70 9.90
CA ARG D 56 -6.54 -2.88 10.73
C ARG D 56 -6.73 -1.56 10.00
N ILE D 57 -7.56 -0.69 10.55
CA ILE D 57 -7.79 0.62 9.99
C ILE D 57 -7.12 1.56 11.00
N ILE D 58 -6.13 2.30 10.54
CA ILE D 58 -5.39 3.21 11.40
C ILE D 58 -5.36 4.63 10.83
N LYS D 59 -5.09 5.60 11.69
CA LYS D 59 -5.03 6.99 11.24
C LYS D 59 -3.79 7.28 10.40
N ASN D 60 -3.94 8.22 9.48
CA ASN D 60 -2.84 8.67 8.66
C ASN D 60 -2.58 10.00 9.35
N LYS D 61 -1.56 10.04 10.20
CA LYS D 61 -1.23 11.23 10.97
C LYS D 61 -1.09 12.51 10.16
N LEU D 62 -1.01 12.38 8.84
CA LEU D 62 -0.91 13.56 7.98
C LEU D 62 -2.28 13.93 7.44
N GLY D 63 -3.30 13.17 7.84
CA GLY D 63 -4.65 13.43 7.38
C GLY D 63 -5.27 12.19 6.73
N GLY D 64 -6.45 11.80 7.21
CA GLY D 64 -7.12 10.64 6.66
C GLY D 64 -6.76 9.37 7.42
N PHE D 65 -6.93 8.23 6.77
CA PHE D 65 -6.62 6.95 7.40
C PHE D 65 -6.18 5.90 6.38
N TYR D 66 -5.66 4.79 6.89
CA TYR D 66 -5.21 3.67 6.06
C TYR D 66 -6.03 2.44 6.37
N ILE D 67 -6.43 1.71 5.34
CA ILE D 67 -7.17 0.46 5.51
C ILE D 67 -6.13 -0.57 5.12
N VAL D 68 -5.64 -1.28 6.13
CA VAL D 68 -4.58 -2.25 5.93
C VAL D 68 -4.94 -3.73 5.94
N GLY D 69 -4.41 -4.46 4.96
CA GLY D 69 -4.65 -5.88 4.87
C GLY D 69 -5.75 -6.31 3.92
N ASP D 70 -6.11 -7.59 4.01
CA ASP D 70 -7.16 -8.14 3.15
C ASP D 70 -8.29 -8.73 4.00
N ILE D 71 -9.47 -8.82 3.41
CA ILE D 71 -10.60 -9.43 4.09
C ILE D 71 -10.42 -10.93 4.00
N GLU D 72 -10.45 -11.61 5.14
CA GLU D 72 -10.27 -13.06 5.15
C GLU D 72 -11.00 -13.65 6.33
N PHE D 73 -11.47 -14.89 6.17
CA PHE D 73 -12.17 -15.57 7.23
C PHE D 73 -11.17 -15.97 8.31
N GLY D 74 -11.53 -15.70 9.57
CA GLY D 74 -10.68 -16.03 10.69
C GLY D 74 -9.66 -14.95 11.00
N ALA D 75 -9.78 -13.79 10.34
CA ALA D 75 -8.82 -12.70 10.54
C ALA D 75 -8.94 -11.93 11.86
N SER D 76 -10.03 -12.13 12.60
CA SER D 76 -10.18 -11.42 13.85
C SER D 76 -10.89 -12.21 14.92
N GLU D 77 -10.11 -12.83 15.80
CA GLU D 77 -10.70 -13.59 16.89
C GLU D 77 -11.40 -12.60 17.81
N HIS D 78 -10.75 -11.47 18.04
CA HIS D 78 -11.29 -10.43 18.92
C HIS D 78 -12.74 -10.10 18.61
N ILE D 79 -12.98 -9.50 17.44
CA ILE D 79 -14.34 -9.12 17.10
C ILE D 79 -15.25 -10.34 16.93
N ALA D 80 -14.67 -11.47 16.54
CA ALA D 80 -15.47 -12.68 16.37
C ALA D 80 -16.19 -13.00 17.68
N LYS D 81 -15.48 -12.87 18.80
CA LYS D 81 -16.06 -13.14 20.10
C LYS D 81 -17.32 -12.31 20.33
N ILE D 82 -17.27 -11.04 19.92
CA ILE D 82 -18.40 -10.14 20.09
C ILE D 82 -19.58 -10.60 19.24
N ILE D 83 -19.32 -10.89 17.97
CA ILE D 83 -20.38 -11.33 17.08
C ILE D 83 -20.96 -12.68 17.52
N LEU D 84 -20.10 -13.61 17.92
CA LEU D 84 -20.56 -14.92 18.37
C LEU D 84 -21.44 -14.81 19.63
N SER D 85 -21.05 -13.94 20.56
CA SER D 85 -21.84 -13.77 21.78
C SER D 85 -23.18 -13.13 21.45
N ALA D 86 -23.16 -12.02 20.71
CA ALA D 86 -24.38 -11.30 20.34
C ALA D 86 -25.36 -12.14 19.51
N SER D 87 -24.84 -12.99 18.63
CA SER D 87 -25.71 -13.79 17.79
C SER D 87 -26.64 -14.68 18.60
N LYS D 88 -26.26 -14.95 19.86
CA LYS D 88 -27.07 -15.77 20.76
C LYS D 88 -28.39 -15.06 21.10
N PHE D 89 -28.34 -13.74 21.18
CA PHE D 89 -29.52 -12.96 21.51
C PHE D 89 -30.33 -12.62 20.26
N ASN D 90 -29.65 -12.56 19.11
CA ASN D 90 -30.31 -12.26 17.84
C ASN D 90 -29.40 -12.74 16.73
N PRO D 91 -29.72 -13.89 16.12
CA PRO D 91 -28.94 -14.49 15.03
C PRO D 91 -28.93 -13.65 13.76
N GLU D 92 -29.72 -12.60 13.72
CA GLU D 92 -29.74 -11.72 12.56
C GLU D 92 -28.50 -10.82 12.60
N ILE D 93 -27.96 -10.59 13.80
CA ILE D 93 -26.77 -9.76 13.99
C ILE D 93 -25.55 -10.58 13.57
N ARG D 94 -24.89 -10.15 12.50
CA ARG D 94 -23.71 -10.87 12.00
C ARG D 94 -22.47 -9.98 11.83
N ALA D 95 -22.60 -8.69 12.11
CA ALA D 95 -21.48 -7.79 11.93
C ALA D 95 -21.18 -6.84 13.09
N CYS D 96 -19.92 -6.44 13.17
CA CYS D 96 -19.47 -5.52 14.22
C CYS D 96 -18.22 -4.77 13.79
N MSE D 97 -18.10 -3.55 14.29
CA MSE D 97 -16.93 -2.73 14.01
C MSE D 97 -16.63 -1.95 15.29
O MSE D 97 -17.54 -1.42 15.92
CB MSE D 97 -17.21 -1.74 12.88
CG MSE D 97 -16.05 -0.77 12.65
SE MSE D 97 -16.32 0.45 11.17
CE MSE D 97 -14.51 1.07 10.98
N ASN D 98 -15.36 -1.92 15.71
CA ASN D 98 -15.00 -1.18 16.90
C ASN D 98 -14.47 0.18 16.49
N ILE D 99 -14.94 1.23 17.17
CA ILE D 99 -14.52 2.60 16.89
C ILE D 99 -14.12 3.33 18.18
N LYS D 100 -13.50 4.49 18.01
CA LYS D 100 -13.04 5.30 19.12
C LYS D 100 -14.19 5.70 20.07
N TYR D 101 -13.89 5.80 21.35
CA TYR D 101 -14.87 6.17 22.37
C TYR D 101 -14.69 7.62 22.81
N ASP D 102 -15.80 8.28 23.13
CA ASP D 102 -15.78 9.66 23.61
C ASP D 102 -16.95 9.84 24.56
N GLY D 103 -16.67 10.35 25.76
CA GLY D 103 -17.71 10.55 26.75
C GLY D 103 -18.91 11.35 26.24
N GLY D 104 -18.64 12.53 25.70
CA GLY D 104 -19.71 13.36 25.19
C GLY D 104 -20.49 12.67 24.10
N LEU D 105 -19.76 12.06 23.18
CA LEU D 105 -20.38 11.35 22.06
C LEU D 105 -21.41 10.32 22.52
N ILE D 106 -21.02 9.45 23.45
CA ILE D 106 -21.95 8.43 23.95
C ILE D 106 -23.24 9.04 24.48
N LYS D 107 -23.10 10.12 25.27
CA LYS D 107 -24.28 10.79 25.79
C LYS D 107 -25.25 11.13 24.67
N LEU D 108 -24.72 11.75 23.62
CA LEU D 108 -25.51 12.14 22.44
C LEU D 108 -26.05 10.95 21.64
N LEU D 109 -25.33 9.84 21.66
CA LEU D 109 -25.76 8.65 20.92
C LEU D 109 -26.93 7.94 21.60
N LYS D 110 -27.00 8.00 22.93
CA LYS D 110 -28.07 7.33 23.67
C LYS D 110 -29.47 7.82 23.27
N ASP D 111 -29.54 9.02 22.69
CA ASP D 111 -30.82 9.58 22.26
C ASP D 111 -31.09 9.31 20.79
N LYS D 112 -30.20 8.55 20.14
CA LYS D 112 -30.35 8.23 18.72
C LYS D 112 -30.16 6.75 18.40
N PHE D 113 -29.51 6.02 19.30
CA PHE D 113 -29.23 4.60 19.11
C PHE D 113 -29.55 3.80 20.37
N ALA D 114 -29.75 2.50 20.21
CA ALA D 114 -29.99 1.62 21.36
C ALA D 114 -28.58 1.37 21.88
N VAL D 115 -28.31 1.79 23.12
CA VAL D 115 -26.97 1.63 23.69
C VAL D 115 -26.93 0.81 24.97
N SER D 116 -25.90 -0.03 25.09
CA SER D 116 -25.69 -0.85 26.27
C SER D 116 -24.20 -0.91 26.53
N SER D 117 -23.81 -1.32 27.73
CA SER D 117 -22.39 -1.39 28.06
C SER D 117 -22.08 -2.42 29.12
N PHE D 118 -20.81 -2.54 29.44
CA PHE D 118 -20.35 -3.47 30.46
C PHE D 118 -19.13 -2.87 31.11
N ASP D 119 -18.86 -3.25 32.36
CA ASP D 119 -17.72 -2.71 33.09
C ASP D 119 -16.64 -3.77 33.19
N ARG D 120 -15.44 -3.44 32.70
CA ARG D 120 -14.31 -4.36 32.73
C ARG D 120 -13.93 -4.75 34.15
N LYS D 121 -14.13 -3.85 35.10
CA LYS D 121 -13.79 -4.13 36.50
C LYS D 121 -14.72 -5.15 37.16
N GLU D 122 -15.83 -5.47 36.50
CA GLU D 122 -16.79 -6.43 37.04
C GLU D 122 -16.62 -7.82 36.47
N GLU D 123 -15.61 -8.00 35.62
CA GLU D 123 -15.38 -9.29 34.98
C GLU D 123 -14.99 -10.40 35.96
N PRO D 124 -15.69 -11.54 35.89
CA PRO D 124 -15.39 -12.69 36.76
C PRO D 124 -14.23 -13.44 36.16
N PRO D 125 -13.56 -14.30 36.94
CA PRO D 125 -12.42 -15.04 36.40
C PRO D 125 -12.82 -16.18 35.46
N ASN D 126 -11.87 -16.63 34.65
CA ASN D 126 -12.12 -17.72 33.72
C ASN D 126 -13.03 -17.45 32.52
N VAL D 127 -13.07 -16.22 32.05
CA VAL D 127 -13.88 -15.89 30.89
C VAL D 127 -13.15 -14.95 29.96
N SER D 128 -13.64 -14.84 28.73
CA SER D 128 -13.07 -13.93 27.75
C SER D 128 -13.83 -12.64 27.96
N THR D 129 -13.11 -11.54 28.14
CA THR D 129 -13.74 -10.25 28.35
C THR D 129 -14.80 -9.99 27.30
N MSE D 130 -14.43 -10.13 26.03
CA MSE D 130 -15.36 -9.87 24.93
C MSE D 130 -16.60 -10.76 24.93
O MSE D 130 -17.69 -10.31 24.57
CB MSE D 130 -14.63 -9.98 23.58
CG MSE D 130 -13.63 -8.86 23.31
SE MSE D 130 -14.38 -7.06 23.54
CE MSE D 130 -13.85 -6.75 25.38
N GLU D 131 -16.47 -12.02 25.34
CA GLU D 131 -17.63 -12.90 25.39
C GLU D 131 -18.51 -12.49 26.57
N TRP D 132 -17.87 -12.36 27.72
CA TRP D 132 -18.56 -11.99 28.94
C TRP D 132 -19.24 -10.62 28.80
N GLY D 133 -18.44 -9.62 28.45
CA GLY D 133 -18.95 -8.27 28.30
C GLY D 133 -20.11 -8.12 27.33
N THR D 134 -20.02 -8.79 26.19
CA THR D 134 -21.08 -8.72 25.20
C THR D 134 -22.34 -9.35 25.80
N LYS D 135 -22.17 -10.50 26.48
CA LYS D 135 -23.31 -11.17 27.10
C LYS D 135 -23.97 -10.22 28.10
N ILE D 136 -23.15 -9.58 28.92
CA ILE D 136 -23.65 -8.63 29.92
C ILE D 136 -24.53 -7.55 29.30
N ALA D 137 -23.96 -6.78 28.38
CA ALA D 137 -24.68 -5.70 27.74
C ALA D 137 -25.96 -6.17 27.06
N CYS D 138 -25.90 -7.32 26.40
CA CYS D 138 -27.08 -7.85 25.72
C CYS D 138 -28.20 -8.27 26.68
N GLU D 139 -27.84 -8.89 27.79
CA GLU D 139 -28.82 -9.33 28.78
C GLU D 139 -29.45 -8.10 29.43
N LYS D 140 -28.65 -7.08 29.63
CA LYS D 140 -29.09 -5.83 30.26
C LYS D 140 -30.10 -5.14 29.33
N PHE D 141 -29.84 -5.17 28.04
CA PHE D 141 -30.69 -4.54 27.04
C PHE D 141 -31.85 -5.47 26.65
N GLY D 142 -31.68 -6.76 26.90
CA GLY D 142 -32.71 -7.71 26.55
C GLY D 142 -32.79 -7.86 25.04
N GLY D 143 -31.63 -8.08 24.43
CA GLY D 143 -31.52 -8.23 22.98
C GLY D 143 -30.18 -7.70 22.51
N VAL D 144 -30.08 -7.32 21.24
CA VAL D 144 -28.82 -6.77 20.72
C VAL D 144 -29.03 -5.31 20.36
N PRO D 145 -28.34 -4.40 21.08
CA PRO D 145 -28.46 -2.97 20.83
C PRO D 145 -27.59 -2.55 19.64
N ASP D 146 -27.66 -1.28 19.28
CA ASP D 146 -26.87 -0.76 18.18
C ASP D 146 -25.42 -0.66 18.62
N ILE D 147 -25.22 -0.30 19.89
CA ILE D 147 -23.89 -0.09 20.43
C ILE D 147 -23.62 -0.73 21.79
N ILE D 148 -22.41 -1.24 21.94
CA ILE D 148 -21.96 -1.84 23.18
C ILE D 148 -20.63 -1.18 23.49
N TYR D 149 -20.60 -0.37 24.54
CA TYR D 149 -19.37 0.31 24.90
C TYR D 149 -18.87 -0.09 26.28
N ASP D 150 -17.68 0.40 26.63
CA ASP D 150 -17.09 0.16 27.93
C ASP D 150 -16.07 1.28 28.15
N ARG D 151 -15.93 1.75 29.39
CA ARG D 151 -15.02 2.84 29.68
C ARG D 151 -13.54 2.43 29.79
N GLY D 152 -13.24 1.22 29.36
CA GLY D 152 -11.86 0.75 29.39
C GLY D 152 -11.40 0.31 30.76
N GLY D 153 -10.10 0.18 30.93
CA GLY D 153 -9.54 -0.25 32.19
C GLY D 153 -8.04 -0.29 32.14
N GLU D 154 -7.44 -1.07 33.04
CA GLU D 154 -5.99 -1.19 33.09
C GLU D 154 -5.48 -1.76 31.76
N GLY D 155 -4.63 -1.00 31.09
CA GLY D 155 -4.07 -1.40 29.81
C GLY D 155 -5.06 -1.56 28.67
N LYS D 156 -6.27 -1.04 28.83
CA LYS D 156 -7.31 -1.16 27.80
C LYS D 156 -8.00 0.17 27.57
N GLU D 157 -7.91 0.71 26.36
CA GLU D 157 -8.56 1.99 26.10
C GLU D 157 -10.07 1.79 25.98
N PRO D 158 -10.85 2.85 26.26
CA PRO D 158 -12.31 2.74 26.15
C PRO D 158 -12.66 2.39 24.72
N MSE D 159 -13.87 1.89 24.48
CA MSE D 159 -14.25 1.51 23.13
C MSE D 159 -15.75 1.51 22.89
O MSE D 159 -16.55 1.26 23.79
CB MSE D 159 -13.71 0.11 22.80
CG MSE D 159 -13.66 -0.22 21.31
SE MSE D 159 -12.23 0.78 20.44
CE MSE D 159 -10.72 -0.04 21.35
N ILE D 160 -16.12 1.81 21.64
CA ILE D 160 -17.51 1.81 21.21
C ILE D 160 -17.58 0.75 20.14
N ARG D 161 -18.54 -0.17 20.25
CA ARG D 161 -18.70 -1.23 19.28
C ARG D 161 -20.06 -1.10 18.63
N VAL D 162 -20.08 -1.02 17.30
CA VAL D 162 -21.32 -0.87 16.56
C VAL D 162 -21.68 -2.21 15.93
N LEU D 163 -22.91 -2.67 16.19
CA LEU D 163 -23.39 -3.93 15.65
C LEU D 163 -24.53 -3.73 14.64
N GLY D 164 -24.76 -4.75 13.82
CA GLY D 164 -25.81 -4.66 12.83
C GLY D 164 -25.99 -5.98 12.11
N ARG D 165 -26.97 -6.03 11.22
CA ARG D 165 -27.24 -7.25 10.46
C ARG D 165 -26.04 -7.65 9.61
N ASP D 166 -25.43 -6.66 8.95
CA ASP D 166 -24.24 -6.92 8.14
C ASP D 166 -23.29 -5.71 8.19
N ALA D 167 -22.09 -5.88 7.65
CA ALA D 167 -21.08 -4.83 7.68
C ALA D 167 -21.54 -3.54 6.99
N ILE D 168 -22.40 -3.67 5.99
CA ILE D 168 -22.87 -2.48 5.30
C ILE D 168 -23.73 -1.65 6.26
N GLU D 169 -24.62 -2.30 6.99
CA GLU D 169 -25.49 -1.60 7.94
C GLU D 169 -24.64 -0.94 9.01
N VAL D 170 -23.63 -1.68 9.48
CA VAL D 170 -22.73 -1.17 10.51
C VAL D 170 -22.09 0.14 10.05
N VAL D 171 -21.50 0.13 8.87
CA VAL D 171 -20.85 1.32 8.35
C VAL D 171 -21.85 2.48 8.21
N LYS D 172 -23.08 2.17 7.82
CA LYS D 172 -24.10 3.22 7.68
C LYS D 172 -24.36 3.86 9.04
N LYS D 173 -24.39 3.04 10.09
CA LYS D 173 -24.61 3.55 11.44
C LYS D 173 -23.39 4.39 11.84
N VAL D 174 -22.20 3.87 11.55
CA VAL D 174 -20.97 4.58 11.89
C VAL D 174 -20.94 5.96 11.23
N GLU D 175 -21.44 6.05 9.99
CA GLU D 175 -21.48 7.33 9.33
C GLU D 175 -22.32 8.33 10.14
N VAL D 176 -23.45 7.87 10.66
CA VAL D 176 -24.32 8.73 11.45
C VAL D 176 -23.57 9.20 12.70
N ILE D 177 -22.87 8.28 13.35
CA ILE D 177 -22.10 8.58 14.54
C ILE D 177 -20.98 9.57 14.21
N GLN D 178 -20.30 9.34 13.09
CA GLN D 178 -19.21 10.20 12.67
C GLN D 178 -19.66 11.65 12.46
N LYS D 179 -20.83 11.82 11.84
CA LYS D 179 -21.34 13.17 11.59
C LYS D 179 -21.58 13.93 12.88
N ILE D 180 -22.05 13.23 13.90
CA ILE D 180 -22.27 13.86 15.20
C ILE D 180 -20.92 14.20 15.81
N TYR D 181 -20.00 13.24 15.76
CA TYR D 181 -18.68 13.43 16.33
C TYR D 181 -17.90 14.57 15.69
N ASN D 182 -18.11 14.79 14.39
CA ASN D 182 -17.41 15.86 13.71
C ASN D 182 -17.53 17.18 14.47
N THR D 183 -18.73 17.46 14.97
CA THR D 183 -18.96 18.70 15.69
C THR D 183 -18.17 18.72 16.99
N LEU D 184 -18.16 17.60 17.73
CA LEU D 184 -17.42 17.54 18.98
C LEU D 184 -15.92 17.64 18.74
N GLU D 185 -15.41 16.80 17.84
CA GLU D 185 -13.98 16.79 17.52
C GLU D 185 -13.54 18.19 17.11
N GLY D 186 -14.42 18.91 16.43
CA GLY D 186 -14.10 20.26 16.00
C GLY D 186 -13.89 21.15 17.21
N HIS D 187 -14.84 21.11 18.13
CA HIS D 187 -14.76 21.90 19.35
C HIS D 187 -13.44 21.61 20.07
CL CL E . -6.14 -3.61 -23.51
CL CL F . -6.82 0.73 -17.32
CL CL G . -8.54 3.89 -27.52
CL CL H . 13.43 1.31 -20.34
CL CL I . 12.11 -2.84 -13.91
CL CL J . 16.88 -6.27 -22.83
CL CL K . 5.10 5.02 23.37
CL CL L . -13.00 -3.89 20.86
CL CL M . -9.36 -7.10 15.14
#